data_5YUT
#
_entry.id   5YUT
#
_cell.length_a   86.750
_cell.length_b   56.930
_cell.length_c   110.210
_cell.angle_alpha   90.00
_cell.angle_beta   95.12
_cell.angle_gamma   90.00
#
_symmetry.space_group_name_H-M   'P 1 21 1'
#
loop_
_entity.id
_entity.type
_entity.pdbx_description
1 polymer 'DNA polymerase IV'
2 polymer DTN
3 non-polymer "THYMIDINE-5'-TRIPHOSPHATE"
4 non-polymer 'MAGNESIUM ION'
5 water water
#
loop_
_entity_poly.entity_id
_entity_poly.type
_entity_poly.pdbx_seq_one_letter_code
_entity_poly.pdbx_strand_id
1 'polypeptide(L)'
;GSRKIIHVDMDCFFAAVEMRDNPALRDIPIAIGGSRERRGVISTANYPARKFGVRSAMPTGMALKLCPHLTLLPGRFDAY
KEASNHIREIFSRYTSRIEPLSLDEAYLDVTDSVHCHGSATLIAQEIRQTIFNELQLTASAGVAPVKFLAKIASDMNKPN
GQFVITPAEVPAFLQTLPLAKIPGVGKVSAAKLEAMGLRTCGDVQKCDLVMLLKRFGKFGRILWERSQGIDERDVNSERL
RKSVGVERTMAEDIHHWSECEAIIERLYPELERRLAKVKPDLLIARQGVKLKFDDFQQTTQEHVWPRLNKADLIATARKT
WDERRGGRGVRLVGLHVTLLDPQMERQLVLGL
;
F,A
2 'polydeoxyribonucleotide' (DT)(DC)(DT)(DA)(DG)(DG)(DG)(DT)(DC)(DC)(DT)(DA)(DG)(DG)(DA)(DC)(DC)(DC) G,H,B,C
#
loop_
_chem_comp.id
_chem_comp.type
_chem_comp.name
_chem_comp.formula
DA DNA linking 2'-DEOXYADENOSINE-5'-MONOPHOSPHATE 'C10 H14 N5 O6 P'
DC DNA linking 2'-DEOXYCYTIDINE-5'-MONOPHOSPHATE 'C9 H14 N3 O7 P'
DG DNA linking 2'-DEOXYGUANOSINE-5'-MONOPHOSPHATE 'C10 H14 N5 O7 P'
DT DNA linking THYMIDINE-5'-MONOPHOSPHATE 'C10 H15 N2 O8 P'
MG non-polymer 'MAGNESIUM ION' 'Mg 2'
TTP non-polymer THYMIDINE-5'-TRIPHOSPHATE 'C10 H17 N2 O14 P3'
#
# COMPACT_ATOMS: atom_id res chain seq x y z
N GLY A 1 44.38 -2.49 -15.27
CA GLY A 1 43.46 -1.43 -15.63
C GLY A 1 42.63 -0.88 -14.49
N SER A 2 43.22 -0.79 -13.30
CA SER A 2 42.52 -0.26 -12.14
C SER A 2 42.71 1.25 -12.02
N ARG A 3 41.61 1.97 -11.80
CA ARG A 3 41.67 3.39 -11.51
C ARG A 3 41.93 3.64 -10.03
N LYS A 4 42.37 4.84 -9.71
CA LYS A 4 42.50 5.29 -8.33
C LYS A 4 41.50 6.43 -8.13
N ILE A 5 40.47 6.18 -7.31
CA ILE A 5 39.42 7.16 -7.03
C ILE A 5 39.52 7.60 -5.57
N ILE A 6 39.56 8.91 -5.36
CA ILE A 6 39.50 9.51 -4.04
C ILE A 6 38.12 10.13 -3.87
N HIS A 7 37.45 9.84 -2.77
CA HIS A 7 36.31 10.62 -2.30
C HIS A 7 36.73 11.44 -1.08
N VAL A 8 36.59 12.76 -1.17
CA VAL A 8 36.92 13.68 -0.09
C VAL A 8 35.63 14.27 0.45
N ASP A 9 35.50 14.32 1.78
CA ASP A 9 34.24 14.66 2.44
C ASP A 9 34.56 15.47 3.68
N MET A 10 34.10 16.72 3.73
CA MET A 10 34.35 17.57 4.90
C MET A 10 33.58 17.05 6.11
N ASP A 11 34.21 17.17 7.29
CA ASP A 11 33.61 16.70 8.55
C ASP A 11 32.63 17.73 9.09
N CYS A 12 31.40 17.28 9.37
CA CYS A 12 30.35 18.13 9.97
C CYS A 12 30.36 19.53 9.37
N PHE A 13 30.25 19.56 8.03
CA PHE A 13 30.71 20.71 7.26
C PHE A 13 30.15 22.04 7.78
N PHE A 14 28.82 22.24 7.74
CA PHE A 14 28.28 23.53 8.16
C PHE A 14 28.70 23.84 9.59
N ALA A 15 28.55 22.86 10.48
CA ALA A 15 28.92 23.05 11.89
C ALA A 15 30.43 23.30 12.05
N ALA A 16 31.26 22.61 11.25
CA ALA A 16 32.71 22.85 11.36
C ALA A 16 33.06 24.30 11.00
N VAL A 17 32.33 24.86 10.03
CA VAL A 17 32.57 26.24 9.63
C VAL A 17 32.17 27.19 10.75
N GLU A 18 31.03 26.92 11.41
CA GLU A 18 30.58 27.80 12.49
C GLU A 18 31.48 27.73 13.72
N MET A 19 32.13 26.59 13.96
CA MET A 19 33.06 26.52 15.08
C MET A 19 34.35 27.25 14.78
N ARG A 20 34.89 27.11 13.56
CA ARG A 20 36.04 27.90 13.17
C ARG A 20 35.76 29.38 13.35
N ASP A 21 34.59 29.84 12.89
CA ASP A 21 34.29 31.26 12.92
C ASP A 21 33.79 31.74 14.28
N ASN A 22 33.54 30.85 15.24
CA ASN A 22 33.10 31.24 16.58
C ASN A 22 33.53 30.17 17.55
N PRO A 23 34.76 30.23 18.05
CA PRO A 23 35.30 29.12 18.85
C PRO A 23 34.50 28.81 20.10
N ALA A 24 33.62 29.71 20.54
CA ALA A 24 32.78 29.40 21.70
C ALA A 24 31.85 28.23 21.44
N LEU A 25 31.52 27.93 20.18
CA LEU A 25 30.66 26.81 19.82
C LEU A 25 31.41 25.48 19.77
N ARG A 26 32.72 25.48 19.97
CA ARG A 26 33.54 24.29 19.73
C ARG A 26 33.15 23.12 20.64
N ASP A 27 32.81 23.37 21.89
CA ASP A 27 32.68 22.25 22.81
C ASP A 27 31.26 22.09 23.35
N ILE A 28 30.30 22.86 22.84
CA ILE A 28 28.91 22.72 23.23
C ILE A 28 28.14 22.09 22.06
N PRO A 29 27.02 21.41 22.31
CA PRO A 29 26.26 20.81 21.20
C PRO A 29 25.59 21.90 20.37
N ILE A 30 25.90 21.92 19.07
CA ILE A 30 25.33 22.89 18.15
C ILE A 30 24.77 22.18 16.92
N ALA A 31 23.85 22.86 16.24
CA ALA A 31 23.32 22.34 15.00
C ALA A 31 22.85 23.49 14.13
N ILE A 32 22.96 23.32 12.82
CA ILE A 32 22.32 24.22 11.87
C ILE A 32 20.96 23.60 11.54
N GLY A 33 19.90 24.37 11.75
CA GLY A 33 18.57 23.95 11.37
C GLY A 33 17.56 24.97 11.84
N GLY A 34 16.37 24.89 11.24
CA GLY A 34 15.28 25.76 11.64
C GLY A 34 14.83 25.50 13.06
N SER A 35 14.22 26.53 13.64
CA SER A 35 13.71 26.39 15.00
C SER A 35 12.50 25.46 15.02
N ARG A 36 12.16 25.01 16.24
CA ARG A 36 10.97 24.20 16.42
C ARG A 36 9.72 25.00 16.02
N GLU A 37 9.71 26.29 16.33
CA GLU A 37 8.58 27.15 15.98
C GLU A 37 8.52 27.36 14.46
N ARG A 38 9.67 27.39 13.79
CA ARG A 38 9.68 27.41 12.33
C ARG A 38 9.45 26.04 11.72
N ARG A 39 9.25 25.01 12.57
CA ARG A 39 8.98 23.65 12.12
C ARG A 39 10.16 23.06 11.33
N GLY A 40 11.38 23.35 11.78
CA GLY A 40 12.57 23.01 11.01
C GLY A 40 13.09 21.61 11.26
N VAL A 41 14.12 21.25 10.49
CA VAL A 41 14.89 20.03 10.73
C VAL A 41 16.35 20.42 10.83
N ILE A 42 17.14 19.48 11.33
CA ILE A 42 18.58 19.69 11.48
C ILE A 42 19.23 19.52 10.12
N SER A 43 20.05 20.50 9.72
CA SER A 43 20.86 20.31 8.52
C SER A 43 22.08 19.47 8.87
N THR A 44 22.78 19.84 9.93
CA THR A 44 23.86 19.02 10.47
C THR A 44 24.15 19.48 11.89
N ALA A 45 24.96 18.69 12.59
CA ALA A 45 25.29 18.92 13.98
C ALA A 45 26.76 18.63 14.20
N ASN A 46 27.32 19.22 15.25
CA ASN A 46 28.69 18.92 15.61
C ASN A 46 28.74 17.63 16.42
N TYR A 47 29.95 17.18 16.81
CA TYR A 47 30.04 15.91 17.54
C TYR A 47 29.47 15.98 18.96
N PRO A 48 29.62 17.08 19.70
CA PRO A 48 28.90 17.16 20.98
C PRO A 48 27.39 16.96 20.87
N ALA A 49 26.73 17.51 19.85
CA ALA A 49 25.30 17.25 19.68
C ALA A 49 25.03 15.82 19.20
N ARG A 50 25.85 15.34 18.24
CA ARG A 50 25.70 13.96 17.75
C ARG A 50 25.77 12.93 18.87
N LYS A 51 26.55 13.20 19.90
CA LYS A 51 26.58 12.32 21.08
C LYS A 51 25.18 12.08 21.66
N PHE A 52 24.29 13.08 21.61
CA PHE A 52 22.93 12.92 22.12
C PHE A 52 22.00 12.23 21.13
N GLY A 53 22.46 11.85 19.94
CA GLY A 53 21.60 11.31 18.91
C GLY A 53 21.13 12.30 17.87
N VAL A 54 21.57 13.56 17.94
CA VAL A 54 21.20 14.56 16.94
C VAL A 54 21.81 14.18 15.59
N ARG A 55 20.97 14.12 14.55
CA ARG A 55 21.38 13.73 13.20
C ARG A 55 20.80 14.69 12.16
N SER A 56 21.46 14.76 11.01
CA SER A 56 20.87 15.43 9.84
C SER A 56 19.50 14.85 9.52
N ALA A 57 18.60 15.72 9.06
CA ALA A 57 17.23 15.38 8.65
C ALA A 57 16.32 15.10 9.83
N MET A 58 16.81 15.22 11.05
CA MET A 58 15.96 14.99 12.20
C MET A 58 15.12 16.23 12.48
N PRO A 59 13.81 16.08 12.74
CA PRO A 59 13.00 17.25 13.10
C PRO A 59 13.56 17.93 14.33
N THR A 60 13.58 19.27 14.28
CA THR A 60 14.25 20.02 15.34
C THR A 60 13.62 19.76 16.70
N GLY A 61 12.30 19.55 16.75
CA GLY A 61 11.68 19.22 18.03
C GLY A 61 12.18 17.90 18.60
N MET A 62 12.52 16.98 17.72
CA MET A 62 13.13 15.76 18.20
C MET A 62 14.56 15.99 18.68
N ALA A 63 15.31 16.84 17.96
CA ALA A 63 16.68 17.14 18.36
C ALA A 63 16.76 17.73 19.75
N LEU A 64 15.81 18.61 20.08
CA LEU A 64 15.85 19.30 21.36
C LEU A 64 15.37 18.40 22.50
N LYS A 65 14.46 17.46 22.21
CA LYS A 65 14.10 16.49 23.23
C LYS A 65 15.30 15.61 23.58
N LEU A 66 16.09 15.23 22.56
CA LEU A 66 17.30 14.46 22.80
C LEU A 66 18.38 15.34 23.44
N CYS A 67 18.47 16.61 23.05
CA CYS A 67 19.57 17.49 23.46
C CYS A 67 19.04 18.86 23.85
N PRO A 68 18.55 19.01 25.09
CA PRO A 68 17.87 20.27 25.46
C PRO A 68 18.74 21.52 25.37
N HIS A 69 20.06 21.42 25.53
CA HIS A 69 20.94 22.59 25.45
C HIS A 69 21.41 22.87 24.03
N LEU A 70 20.87 22.17 23.04
CA LEU A 70 21.31 22.32 21.66
C LEU A 70 21.28 23.79 21.26
N THR A 71 22.40 24.30 20.74
CA THR A 71 22.43 25.67 20.24
C THR A 71 22.11 25.66 18.76
N LEU A 72 21.01 26.29 18.40
CA LEU A 72 20.49 26.24 17.04
C LEU A 72 20.96 27.46 16.27
N LEU A 73 21.53 27.23 15.09
CA LEU A 73 22.12 28.21 14.19
C LEU A 73 21.37 28.23 12.87
N PRO A 74 21.33 29.39 12.19
CA PRO A 74 20.55 29.49 10.95
C PRO A 74 21.31 29.14 9.69
N GLY A 75 22.64 29.19 9.71
CA GLY A 75 23.31 28.88 8.46
C GLY A 75 23.73 30.10 7.68
N ARG A 76 24.98 30.11 7.26
CA ARG A 76 25.63 31.21 6.57
C ARG A 76 26.12 30.63 5.24
N PHE A 77 25.23 30.59 4.26
CA PHE A 77 25.49 29.78 3.08
C PHE A 77 26.61 30.33 2.22
N ASP A 78 26.87 31.64 2.26
CA ASP A 78 28.03 32.17 1.54
C ASP A 78 29.34 31.72 2.19
N ALA A 79 29.37 31.63 3.53
CA ALA A 79 30.59 31.15 4.19
C ALA A 79 30.87 29.70 3.81
N TYR A 80 29.84 28.88 3.67
CA TYR A 80 30.04 27.50 3.27
C TYR A 80 30.47 27.41 1.81
N LYS A 81 29.85 28.21 0.96
CA LYS A 81 30.20 28.20 -0.46
C LYS A 81 31.63 28.68 -0.66
N GLU A 82 32.08 29.61 0.19
CA GLU A 82 33.46 30.07 0.11
C GLU A 82 34.42 28.96 0.48
N ALA A 83 34.12 28.20 1.53
CA ALA A 83 34.94 27.06 1.87
C ALA A 83 34.95 26.05 0.73
N SER A 84 33.79 25.84 0.09
CA SER A 84 33.70 24.88 -0.99
C SER A 84 34.57 25.29 -2.17
N ASN A 85 34.54 26.57 -2.55
CA ASN A 85 35.40 27.03 -3.64
C ASN A 85 36.86 26.78 -3.30
N HIS A 86 37.25 27.03 -2.06
CA HIS A 86 38.64 26.89 -1.65
C HIS A 86 39.08 25.43 -1.73
N ILE A 87 38.29 24.50 -1.20
CA ILE A 87 38.74 23.10 -1.23
C ILE A 87 38.75 22.59 -2.67
N ARG A 88 37.83 23.05 -3.51
CA ARG A 88 37.85 22.64 -4.91
C ARG A 88 39.06 23.19 -5.64
N GLU A 89 39.52 24.39 -5.29
CA GLU A 89 40.76 24.87 -5.87
C GLU A 89 41.93 24.04 -5.36
N ILE A 90 41.88 23.63 -4.08
CA ILE A 90 42.90 22.73 -3.56
C ILE A 90 42.90 21.40 -4.33
N PHE A 91 41.71 20.85 -4.64
CA PHE A 91 41.66 19.62 -5.44
C PHE A 91 42.35 19.82 -6.79
N SER A 92 42.19 20.99 -7.39
CA SER A 92 42.71 21.25 -8.72
C SER A 92 44.24 21.31 -8.76
N ARG A 93 44.90 21.54 -7.61
CA ARG A 93 46.35 21.45 -7.60
C ARG A 93 46.86 20.04 -7.85
N TYR A 94 45.97 19.03 -7.80
CA TYR A 94 46.39 17.64 -7.93
C TYR A 94 45.87 16.95 -9.17
N THR A 95 44.75 17.41 -9.72
CA THR A 95 44.12 16.83 -10.89
C THR A 95 42.98 17.75 -11.31
N SER A 96 42.64 17.70 -12.59
CA SER A 96 41.45 18.36 -13.09
C SER A 96 40.27 17.40 -13.15
N ARG A 97 40.49 16.13 -12.80
CA ARG A 97 39.44 15.13 -12.76
C ARG A 97 38.71 15.21 -11.41
N ILE A 98 37.79 16.19 -11.32
CA ILE A 98 37.09 16.56 -10.10
C ILE A 98 35.59 16.58 -10.37
N GLU A 99 34.85 15.71 -9.69
CA GLU A 99 33.40 15.72 -9.77
C GLU A 99 32.82 16.11 -8.42
N PRO A 100 32.43 17.37 -8.24
CA PRO A 100 31.81 17.76 -6.96
C PRO A 100 30.42 17.16 -6.87
N LEU A 101 30.08 16.65 -5.69
CA LEU A 101 28.75 16.11 -5.45
C LEU A 101 27.87 17.05 -4.65
N SER A 102 28.47 18.05 -4.02
CA SER A 102 27.76 19.00 -3.17
C SER A 102 28.79 20.03 -2.74
N LEU A 103 28.41 20.97 -1.87
CA LEU A 103 29.39 21.93 -1.38
C LEU A 103 30.62 21.23 -0.82
N ASP A 104 30.44 20.18 -0.04
CA ASP A 104 31.51 19.72 0.85
C ASP A 104 32.21 18.45 0.39
N GLU A 105 31.99 17.97 -0.83
CA GLU A 105 32.59 16.69 -1.21
C GLU A 105 32.79 16.60 -2.71
N ALA A 106 33.71 15.72 -3.11
CA ALA A 106 34.01 15.50 -4.51
C ALA A 106 34.67 14.13 -4.70
N TYR A 107 34.45 13.56 -5.87
CA TYR A 107 35.30 12.49 -6.38
C TYR A 107 36.49 13.09 -7.12
N LEU A 108 37.64 12.48 -6.95
CA LEU A 108 38.84 12.78 -7.72
C LEU A 108 39.29 11.49 -8.41
N ASP A 109 39.61 11.57 -9.70
CA ASP A 109 40.26 10.47 -10.40
C ASP A 109 41.74 10.81 -10.47
N VAL A 110 42.56 10.08 -9.70
CA VAL A 110 43.99 10.34 -9.64
C VAL A 110 44.80 9.24 -10.33
N THR A 111 44.16 8.42 -11.17
CA THR A 111 44.88 7.36 -11.89
C THR A 111 46.11 7.90 -12.61
N ASP A 112 45.93 8.94 -13.43
CA ASP A 112 47.04 9.53 -14.20
C ASP A 112 47.72 10.65 -13.44
N SER A 113 47.95 10.53 -12.14
CA SER A 113 48.52 11.63 -11.39
C SER A 113 50.01 11.39 -11.11
N VAL A 114 50.80 12.46 -11.27
CA VAL A 114 52.24 12.41 -11.02
C VAL A 114 52.56 12.67 -9.54
N HIS A 115 51.67 13.33 -8.81
CA HIS A 115 51.96 13.73 -7.44
C HIS A 115 52.19 12.52 -6.53
N CYS A 116 52.98 12.75 -5.48
CA CYS A 116 53.19 11.77 -4.40
C CYS A 116 53.47 10.38 -4.92
N HIS A 117 54.30 10.29 -5.98
CA HIS A 117 54.76 9.01 -6.52
C HIS A 117 53.58 8.13 -6.96
N GLY A 118 52.53 8.76 -7.48
CA GLY A 118 51.34 8.05 -7.88
C GLY A 118 50.59 7.38 -6.74
N SER A 119 50.97 7.64 -5.50
CA SER A 119 50.27 7.10 -4.35
C SER A 119 48.99 7.90 -4.11
N ALA A 120 47.85 7.28 -4.38
CA ALA A 120 46.57 7.91 -4.09
C ALA A 120 46.37 8.09 -2.59
N THR A 121 46.90 7.16 -1.78
CA THR A 121 46.85 7.30 -0.33
C THR A 121 47.52 8.57 0.14
N LEU A 122 48.68 8.88 -0.44
CA LEU A 122 49.43 10.04 0.01
C LEU A 122 48.86 11.34 -0.55
N ILE A 123 48.29 11.27 -1.76
CA ILE A 123 47.58 12.42 -2.30
C ILE A 123 46.40 12.77 -1.40
N ALA A 124 45.63 11.76 -0.98
CA ALA A 124 44.47 12.02 -0.14
C ALA A 124 44.88 12.65 1.17
N GLN A 125 45.96 12.14 1.77
CA GLN A 125 46.49 12.68 3.02
C GLN A 125 46.96 14.12 2.84
N GLU A 126 47.57 14.41 1.71
CA GLU A 126 48.10 15.75 1.50
C GLU A 126 46.97 16.75 1.26
N ILE A 127 45.91 16.31 0.57
CA ILE A 127 44.75 17.17 0.38
C ILE A 127 44.09 17.44 1.72
N ARG A 128 43.95 16.43 2.58
CA ARG A 128 43.33 16.68 3.87
C ARG A 128 44.19 17.60 4.71
N GLN A 129 45.52 17.45 4.63
CA GLN A 129 46.41 18.28 5.43
C GLN A 129 46.39 19.73 4.92
N THR A 130 46.39 19.91 3.60
CA THR A 130 46.35 21.24 3.03
C THR A 130 45.04 21.95 3.37
N ILE A 131 43.93 21.24 3.21
CA ILE A 131 42.62 21.78 3.62
C ILE A 131 42.68 22.26 5.05
N PHE A 132 43.34 21.49 5.93
CA PHE A 132 43.39 21.91 7.32
C PHE A 132 44.29 23.13 7.48
N ASN A 133 45.44 23.14 6.80
CA ASN A 133 46.36 24.26 6.93
C ASN A 133 45.75 25.55 6.42
N GLU A 134 44.99 25.49 5.32
CA GLU A 134 44.54 26.72 4.68
C GLU A 134 43.13 27.13 5.06
N LEU A 135 42.32 26.24 5.61
CA LEU A 135 40.96 26.58 5.96
C LEU A 135 40.64 26.30 7.43
N GLN A 136 41.52 25.64 8.17
CA GLN A 136 41.27 25.25 9.57
C GLN A 136 39.98 24.46 9.71
N LEU A 137 39.74 23.59 8.73
CA LEU A 137 38.65 22.63 8.76
C LEU A 137 39.24 21.27 8.40
N THR A 138 38.70 20.21 8.96
CA THR A 138 39.19 18.88 8.65
C THR A 138 38.28 18.17 7.68
N ALA A 139 38.86 17.23 6.96
CA ALA A 139 38.14 16.44 5.98
C ALA A 139 38.58 15.00 6.14
N SER A 140 37.70 14.09 5.72
CA SER A 140 38.02 12.68 5.64
C SER A 140 38.10 12.29 4.17
N ALA A 141 38.65 11.11 3.91
CA ALA A 141 38.78 10.69 2.52
C ALA A 141 38.64 9.18 2.42
N GLY A 142 38.26 8.74 1.24
CA GLY A 142 38.23 7.33 0.93
C GLY A 142 38.92 7.09 -0.39
N VAL A 143 39.71 6.03 -0.46
CA VAL A 143 40.47 5.66 -1.65
C VAL A 143 40.06 4.26 -2.04
N ALA A 144 39.67 4.08 -3.31
CA ALA A 144 39.17 2.80 -3.78
C ALA A 144 39.32 2.77 -5.30
N PRO A 145 39.07 1.62 -5.93
CA PRO A 145 39.19 1.55 -7.39
C PRO A 145 37.98 2.09 -8.14
N VAL A 146 36.84 2.33 -7.46
CA VAL A 146 35.62 2.80 -8.12
C VAL A 146 34.96 3.82 -7.19
N LYS A 147 33.98 4.56 -7.74
CA LYS A 147 33.33 5.65 -7.00
C LYS A 147 32.72 5.15 -5.69
N PHE A 148 31.80 4.18 -5.76
CA PHE A 148 30.96 3.95 -4.60
C PHE A 148 31.77 3.39 -3.44
N LEU A 149 32.79 2.57 -3.73
CA LEU A 149 33.63 2.08 -2.64
C LEU A 149 34.44 3.20 -2.03
N ALA A 150 34.91 4.15 -2.86
CA ALA A 150 35.64 5.29 -2.30
C ALA A 150 34.75 6.12 -1.41
N LYS A 151 33.49 6.29 -1.80
CA LYS A 151 32.56 7.06 -0.99
C LYS A 151 32.21 6.31 0.29
N ILE A 152 32.03 4.99 0.23
CA ILE A 152 31.86 4.27 1.49
C ILE A 152 33.11 4.42 2.35
N ALA A 153 34.29 4.35 1.73
CA ALA A 153 35.53 4.37 2.50
C ALA A 153 35.74 5.69 3.24
N SER A 154 35.20 6.81 2.72
CA SER A 154 35.44 8.08 3.38
C SER A 154 34.66 8.19 4.69
N ASP A 155 33.64 7.38 4.90
CA ASP A 155 32.85 7.42 6.12
C ASP A 155 33.47 6.62 7.25
N MET A 156 34.45 5.77 6.98
CA MET A 156 34.84 4.76 7.96
C MET A 156 35.93 5.22 8.90
N ASN A 157 36.70 6.23 8.54
CA ASN A 157 37.66 6.83 9.43
C ASN A 157 37.34 8.31 9.68
N LYS A 158 36.06 8.66 9.69
CA LYS A 158 35.59 10.00 10.06
C LYS A 158 35.55 10.15 11.58
N PRO A 159 35.88 11.33 12.12
CA PRO A 159 36.37 12.51 11.39
C PRO A 159 37.86 12.51 11.22
N ASN A 160 38.33 13.35 10.31
CA ASN A 160 39.74 13.65 10.14
C ASN A 160 40.57 12.37 9.98
N GLY A 161 40.24 11.63 8.94
CA GLY A 161 40.89 10.36 8.71
C GLY A 161 40.50 9.83 7.35
N GLN A 162 41.16 8.74 6.96
CA GLN A 162 40.88 8.16 5.66
C GLN A 162 40.95 6.64 5.74
N PHE A 163 40.58 6.01 4.63
CA PHE A 163 40.54 4.55 4.54
C PHE A 163 40.75 4.18 3.09
N VAL A 164 41.60 3.18 2.85
CA VAL A 164 41.98 2.73 1.52
C VAL A 164 41.48 1.31 1.30
N ILE A 165 40.85 1.06 0.14
CA ILE A 165 40.40 -0.27 -0.23
C ILE A 165 41.13 -0.65 -1.52
N THR A 166 42.01 -1.65 -1.46
CA THR A 166 42.70 -2.17 -2.63
C THR A 166 41.83 -3.17 -3.37
N PRO A 167 42.15 -3.46 -4.65
CA PRO A 167 41.39 -4.50 -5.34
C PRO A 167 41.47 -5.84 -4.64
N ALA A 168 42.59 -6.12 -3.98
CA ALA A 168 42.71 -7.37 -3.23
C ALA A 168 41.75 -7.41 -2.06
N GLU A 169 41.44 -6.26 -1.46
CA GLU A 169 40.54 -6.22 -0.32
C GLU A 169 39.05 -6.13 -0.69
N VAL A 170 38.71 -5.96 -1.97
CA VAL A 170 37.30 -5.71 -2.33
C VAL A 170 36.40 -6.90 -2.00
N PRO A 171 36.74 -8.15 -2.33
CA PRO A 171 35.81 -9.25 -2.03
C PRO A 171 35.49 -9.42 -0.55
N ALA A 172 36.50 -9.31 0.32
CA ALA A 172 36.22 -9.40 1.74
C ALA A 172 35.40 -8.23 2.22
N PHE A 173 35.69 -7.02 1.71
CA PHE A 173 34.93 -5.83 2.09
C PHE A 173 33.47 -5.95 1.68
N LEU A 174 33.19 -6.51 0.50
CA LEU A 174 31.84 -6.62 -0.04
C LEU A 174 31.01 -7.65 0.73
N GLN A 175 31.64 -8.73 1.18
CA GLN A 175 30.89 -9.92 1.60
C GLN A 175 29.85 -9.57 2.66
N THR A 176 30.23 -8.73 3.63
CA THR A 176 29.38 -8.33 4.74
C THR A 176 28.87 -6.90 4.64
N LEU A 177 29.13 -6.22 3.53
CA LEU A 177 28.72 -4.83 3.36
C LEU A 177 27.18 -4.73 3.29
N PRO A 178 26.53 -4.03 4.23
CA PRO A 178 25.08 -3.90 4.13
C PRO A 178 24.69 -3.15 2.86
N LEU A 179 23.62 -3.61 2.23
CA LEU A 179 23.12 -2.97 1.01
C LEU A 179 22.78 -1.51 1.25
N ALA A 180 22.21 -1.19 2.43
CA ALA A 180 21.82 0.20 2.73
C ALA A 180 23.01 1.14 2.71
N LYS A 181 24.25 0.60 2.79
CA LYS A 181 25.41 1.47 2.71
C LYS A 181 25.75 1.89 1.29
N ILE A 182 25.14 1.27 0.28
CA ILE A 182 25.39 1.63 -1.11
C ILE A 182 24.67 2.92 -1.44
N PRO A 183 25.34 3.94 -1.97
CA PRO A 183 24.65 5.18 -2.37
C PRO A 183 23.53 4.90 -3.36
N GLY A 184 22.33 5.41 -3.06
CA GLY A 184 21.15 5.13 -3.85
C GLY A 184 20.26 4.03 -3.29
N VAL A 185 20.73 3.25 -2.33
CA VAL A 185 19.89 2.28 -1.63
C VAL A 185 19.46 2.94 -0.33
N GLY A 186 18.26 3.52 -0.30
CA GLY A 186 17.75 4.17 0.88
C GLY A 186 16.83 3.29 1.69
N LYS A 187 16.12 3.92 2.63
CA LYS A 187 15.26 3.20 3.57
C LYS A 187 14.25 2.31 2.85
N VAL A 188 13.56 2.84 1.83
CA VAL A 188 12.49 2.09 1.20
C VAL A 188 13.05 0.87 0.48
N SER A 189 14.15 1.05 -0.25
CA SER A 189 14.74 -0.06 -0.97
C SER A 189 15.35 -1.08 -0.02
N ALA A 190 16.00 -0.61 1.05
CA ALA A 190 16.63 -1.57 1.95
C ALA A 190 15.59 -2.42 2.66
N ALA A 191 14.43 -1.83 2.96
CA ALA A 191 13.36 -2.60 3.61
C ALA A 191 12.73 -3.58 2.64
N LYS A 192 12.57 -3.18 1.37
CA LYS A 192 12.09 -4.14 0.38
C LYS A 192 13.14 -5.24 0.14
N LEU A 193 14.42 -4.87 0.15
CA LEU A 193 15.48 -5.88 0.00
C LEU A 193 15.50 -6.81 1.21
N GLU A 194 15.30 -6.27 2.40
CA GLU A 194 15.31 -7.09 3.62
C GLU A 194 14.15 -8.08 3.61
N ALA A 195 13.00 -7.66 3.07
CA ALA A 195 11.82 -8.53 3.11
C ALA A 195 11.98 -9.76 2.23
N MET A 196 12.85 -9.71 1.22
CA MET A 196 13.17 -10.91 0.46
C MET A 196 14.48 -11.55 0.93
N GLY A 197 14.92 -11.22 2.14
CA GLY A 197 16.11 -11.84 2.71
C GLY A 197 17.43 -11.34 2.17
N LEU A 198 17.47 -10.13 1.61
CA LEU A 198 18.69 -9.57 1.05
C LEU A 198 19.11 -8.39 1.93
N ARG A 199 20.24 -8.55 2.62
CA ARG A 199 20.77 -7.53 3.51
C ARG A 199 22.16 -7.05 3.10
N THR A 200 22.99 -7.92 2.56
CA THR A 200 24.39 -7.58 2.28
C THR A 200 24.70 -7.82 0.81
N CYS A 201 25.82 -7.26 0.36
CA CYS A 201 26.28 -7.56 -1.00
C CYS A 201 26.55 -9.05 -1.16
N GLY A 202 27.03 -9.71 -0.10
CA GLY A 202 27.15 -11.16 -0.11
C GLY A 202 25.86 -11.87 -0.49
N ASP A 203 24.74 -11.46 0.12
CA ASP A 203 23.43 -12.00 -0.24
C ASP A 203 23.12 -11.79 -1.72
N VAL A 204 23.36 -10.58 -2.22
CA VAL A 204 22.97 -10.25 -3.59
C VAL A 204 23.85 -10.99 -4.58
N GLN A 205 25.10 -11.26 -4.21
CA GLN A 205 25.96 -12.09 -5.05
C GLN A 205 25.33 -13.45 -5.30
N LYS A 206 24.62 -13.98 -4.32
CA LYS A 206 23.95 -15.26 -4.49
C LYS A 206 22.65 -15.15 -5.27
N CYS A 207 22.44 -14.03 -5.96
CA CYS A 207 21.20 -13.75 -6.67
C CYS A 207 21.39 -13.79 -8.18
N ASP A 208 20.28 -14.00 -8.86
CA ASP A 208 20.25 -14.02 -10.30
C ASP A 208 19.93 -12.63 -10.82
N LEU A 209 20.74 -12.16 -11.76
CA LEU A 209 20.50 -10.86 -12.39
C LEU A 209 19.10 -10.77 -12.98
N VAL A 210 18.63 -11.85 -13.62
CA VAL A 210 17.33 -11.81 -14.28
C VAL A 210 16.21 -11.50 -13.29
N MET A 211 16.24 -12.15 -12.12
CA MET A 211 15.23 -11.88 -11.11
C MET A 211 15.32 -10.45 -10.63
N LEU A 212 16.53 -9.97 -10.34
CA LEU A 212 16.67 -8.58 -9.91
C LEU A 212 16.20 -7.61 -10.99
N LEU A 213 16.41 -7.95 -12.26
CA LEU A 213 15.92 -7.07 -13.31
C LEU A 213 14.39 -7.03 -13.34
N LYS A 214 13.74 -8.17 -13.10
CA LYS A 214 12.28 -8.17 -13.12
C LYS A 214 11.70 -7.49 -11.89
N ARG A 215 12.36 -7.63 -10.74
CA ARG A 215 11.85 -7.15 -9.47
C ARG A 215 12.20 -5.69 -9.17
N PHE A 216 13.24 -5.15 -9.81
CA PHE A 216 13.65 -3.77 -9.54
C PHE A 216 13.99 -2.98 -10.79
N GLY A 217 13.90 -3.56 -11.98
CA GLY A 217 14.25 -2.79 -13.16
C GLY A 217 15.72 -2.41 -13.16
N LYS A 218 16.01 -1.24 -13.74
CA LYS A 218 17.40 -0.81 -13.88
C LYS A 218 18.10 -0.75 -12.54
N PHE A 219 17.37 -0.46 -11.48
CA PHE A 219 17.93 -0.49 -10.13
C PHE A 219 18.43 -1.89 -9.77
N GLY A 220 17.76 -2.93 -10.25
CA GLY A 220 18.23 -4.29 -9.98
C GLY A 220 19.58 -4.59 -10.60
N ARG A 221 19.82 -4.11 -11.83
CA ARG A 221 21.14 -4.25 -12.42
C ARG A 221 22.20 -3.52 -11.60
N ILE A 222 21.90 -2.30 -11.13
CA ILE A 222 22.89 -1.57 -10.34
C ILE A 222 23.19 -2.31 -9.04
N LEU A 223 22.16 -2.86 -8.39
CA LEU A 223 22.35 -3.67 -7.19
C LEU A 223 23.27 -4.85 -7.49
N TRP A 224 22.95 -5.60 -8.55
CA TRP A 224 23.78 -6.73 -8.92
C TRP A 224 25.23 -6.30 -9.16
N GLU A 225 25.43 -5.20 -9.89
CA GLU A 225 26.80 -4.77 -10.18
C GLU A 225 27.53 -4.34 -8.91
N ARG A 226 26.88 -3.46 -8.11
CA ARG A 226 27.55 -2.92 -6.93
C ARG A 226 27.95 -4.02 -5.96
N SER A 227 27.10 -5.04 -5.81
CA SER A 227 27.41 -6.14 -4.90
C SER A 227 28.62 -6.94 -5.35
N GLN A 228 29.14 -6.70 -6.55
CA GLN A 228 30.36 -7.34 -7.04
C GLN A 228 31.54 -6.40 -7.09
N GLY A 229 31.39 -5.17 -6.59
CA GLY A 229 32.40 -4.15 -6.78
C GLY A 229 32.41 -3.51 -8.15
N ILE A 230 31.44 -3.82 -9.01
CA ILE A 230 31.38 -3.25 -10.35
C ILE A 230 30.76 -1.88 -10.29
N ASP A 231 31.53 -0.87 -10.67
CA ASP A 231 31.03 0.51 -10.75
C ASP A 231 31.90 1.21 -11.78
N GLU A 232 31.45 1.20 -13.02
CA GLU A 232 32.20 1.79 -14.12
C GLU A 232 31.93 3.28 -14.31
N ARG A 233 31.13 3.90 -13.44
CA ARG A 233 30.83 5.32 -13.61
C ARG A 233 32.11 6.14 -13.57
N ASP A 234 32.32 6.96 -14.59
CA ASP A 234 33.51 7.78 -14.70
C ASP A 234 33.39 9.04 -13.87
N VAL A 235 34.52 9.52 -13.37
CA VAL A 235 34.54 10.84 -12.74
C VAL A 235 34.28 11.88 -13.83
N ASN A 236 33.18 12.61 -13.71
CA ASN A 236 32.75 13.56 -14.74
C ASN A 236 32.84 14.96 -14.16
N SER A 237 33.71 15.77 -14.75
CA SER A 237 33.92 17.13 -14.29
C SER A 237 33.10 18.15 -15.08
N GLU A 238 32.09 17.70 -15.83
CA GLU A 238 31.36 18.59 -16.75
C GLU A 238 29.86 18.68 -16.45
N ARG A 239 29.44 18.30 -15.25
CA ARG A 239 28.02 18.37 -14.93
C ARG A 239 27.59 19.81 -14.68
N LEU A 240 26.34 20.10 -15.04
CA LEU A 240 25.74 21.41 -14.92
C LEU A 240 24.39 21.31 -14.24
N ARG A 241 24.07 22.31 -13.44
CA ARG A 241 22.78 22.38 -12.78
C ARG A 241 21.64 22.45 -13.79
N LYS A 242 20.54 21.76 -13.48
CA LYS A 242 19.41 21.61 -14.39
C LYS A 242 18.15 22.31 -13.94
N SER A 243 18.05 22.71 -12.67
CA SER A 243 16.83 23.32 -12.17
C SER A 243 17.21 24.35 -11.12
N VAL A 244 16.26 25.21 -10.79
CA VAL A 244 16.39 26.16 -9.70
C VAL A 244 15.06 26.19 -8.96
N GLY A 245 15.09 26.00 -7.65
CA GLY A 245 13.88 25.95 -6.86
C GLY A 245 13.97 26.82 -5.62
N VAL A 246 12.84 27.42 -5.25
CA VAL A 246 12.73 28.27 -4.06
C VAL A 246 11.41 27.92 -3.38
N GLU A 247 11.48 27.40 -2.16
CA GLU A 247 10.27 27.00 -1.46
C GLU A 247 10.40 27.35 0.01
N ARG A 248 9.26 27.49 0.67
CA ARG A 248 9.23 27.86 2.09
C ARG A 248 8.16 27.06 2.81
N THR A 249 8.48 26.60 4.01
CA THR A 249 7.51 25.99 4.91
C THR A 249 7.15 27.04 5.95
N MET A 250 5.85 27.32 6.12
CA MET A 250 5.37 28.33 7.07
C MET A 250 5.32 27.79 8.50
N ALA A 251 5.52 28.70 9.46
CA ALA A 251 5.40 28.34 10.86
C ALA A 251 4.01 27.80 11.17
N GLU A 252 2.98 28.35 10.54
CA GLU A 252 1.61 27.88 10.69
C GLU A 252 1.07 27.54 9.31
N ASP A 253 0.25 26.50 9.21
CA ASP A 253 -0.38 26.21 7.93
C ASP A 253 -1.25 27.37 7.52
N ILE A 254 -1.43 27.51 6.20
CA ILE A 254 -2.27 28.55 5.65
C ILE A 254 -3.53 27.88 5.10
N HIS A 255 -4.61 28.64 5.10
CA HIS A 255 -5.91 28.15 4.67
C HIS A 255 -6.62 29.08 3.70
N HIS A 256 -6.07 30.27 3.44
CA HIS A 256 -6.68 31.25 2.55
C HIS A 256 -5.73 31.56 1.41
N TRP A 257 -6.29 31.63 0.20
CA TRP A 257 -5.50 31.94 -0.98
C TRP A 257 -4.76 33.28 -0.85
N SER A 258 -5.38 34.28 -0.21
CA SER A 258 -4.65 35.53 0.02
C SER A 258 -3.31 35.27 0.71
N GLU A 259 -3.27 34.26 1.60
CA GLU A 259 -2.02 33.96 2.30
C GLU A 259 -1.03 33.29 1.36
N CYS A 260 -1.53 32.41 0.49
CA CYS A 260 -0.66 31.74 -0.48
C CYS A 260 -0.04 32.75 -1.43
N GLU A 261 -0.89 33.61 -2.00
CA GLU A 261 -0.43 34.67 -2.88
C GLU A 261 0.66 35.51 -2.21
N ALA A 262 0.42 35.91 -0.95
CA ALA A 262 1.40 36.71 -0.21
C ALA A 262 2.75 36.00 -0.12
N ILE A 263 2.74 34.68 0.11
CA ILE A 263 3.98 33.91 0.17
C ILE A 263 4.70 33.98 -1.17
N ILE A 264 3.96 33.69 -2.26
CA ILE A 264 4.58 33.70 -3.59
C ILE A 264 5.24 35.05 -3.86
N GLU A 265 4.55 36.15 -3.50
CA GLU A 265 5.13 37.46 -3.72
C GLU A 265 6.52 37.58 -3.09
N ARG A 266 6.73 36.94 -1.94
CA ARG A 266 8.06 36.97 -1.33
C ARG A 266 9.02 36.01 -1.99
N LEU A 267 8.52 34.85 -2.41
CA LEU A 267 9.39 33.84 -3.02
C LEU A 267 9.93 34.31 -4.36
N TYR A 268 9.09 34.96 -5.18
CA TYR A 268 9.46 35.25 -6.56
C TYR A 268 10.75 36.07 -6.69
N PRO A 269 10.95 37.18 -5.96
CA PRO A 269 12.21 37.91 -6.11
C PRO A 269 13.43 37.05 -5.83
N GLU A 270 13.37 36.18 -4.83
CA GLU A 270 14.51 35.30 -4.55
C GLU A 270 14.79 34.37 -5.73
N LEU A 271 13.75 33.80 -6.32
CA LEU A 271 13.96 32.93 -7.47
C LEU A 271 14.53 33.70 -8.66
N GLU A 272 14.02 34.91 -8.92
CA GLU A 272 14.56 35.70 -10.02
C GLU A 272 16.03 36.04 -9.81
N ARG A 273 16.39 36.38 -8.57
CA ARG A 273 17.76 36.75 -8.27
C ARG A 273 18.71 35.57 -8.46
N ARG A 274 18.29 34.36 -8.05
CA ARG A 274 19.16 33.21 -8.21
C ARG A 274 19.23 32.76 -9.67
N LEU A 275 18.10 32.84 -10.39
CA LEU A 275 18.12 32.52 -11.81
C LEU A 275 19.03 33.46 -12.56
N ALA A 276 18.94 34.76 -12.26
CA ALA A 276 19.71 35.78 -12.99
C ALA A 276 21.22 35.59 -12.81
N LYS A 277 21.66 34.99 -11.69
CA LYS A 277 23.09 34.71 -11.52
C LYS A 277 23.62 33.76 -12.59
N VAL A 278 22.78 32.84 -13.08
CA VAL A 278 23.20 31.86 -14.07
C VAL A 278 22.60 32.13 -15.45
N LYS A 279 21.51 32.88 -15.54
CA LYS A 279 20.87 33.18 -16.83
C LYS A 279 20.32 34.59 -16.73
N PRO A 280 21.17 35.60 -16.99
CA PRO A 280 20.73 37.00 -16.83
C PRO A 280 19.49 37.39 -17.59
N ASP A 281 19.24 36.80 -18.76
CA ASP A 281 18.04 37.13 -19.52
C ASP A 281 16.81 36.42 -19.01
N LEU A 282 16.97 35.55 -18.00
CA LEU A 282 15.89 34.82 -17.34
C LEU A 282 15.22 33.82 -18.27
N LEU A 283 15.90 33.42 -19.35
CA LEU A 283 15.30 32.49 -20.30
C LEU A 283 15.41 31.07 -19.77
N ILE A 284 14.28 30.35 -19.78
CA ILE A 284 14.15 29.05 -19.12
C ILE A 284 13.36 28.11 -20.01
N ALA A 285 13.35 26.83 -19.62
CA ALA A 285 12.57 25.83 -20.35
C ALA A 285 11.17 25.63 -19.77
N ARG A 286 11.05 25.57 -18.44
CA ARG A 286 9.77 25.34 -17.77
C ARG A 286 9.77 26.11 -16.46
N GLN A 287 8.58 26.48 -15.99
CA GLN A 287 8.43 27.01 -14.64
C GLN A 287 7.20 26.39 -14.01
N GLY A 288 7.14 26.46 -12.67
CA GLY A 288 6.09 25.72 -12.00
C GLY A 288 6.05 26.00 -10.52
N VAL A 289 5.07 25.37 -9.86
CA VAL A 289 4.83 25.63 -8.46
C VAL A 289 4.72 24.29 -7.73
N LYS A 290 4.74 24.38 -6.40
CA LYS A 290 4.66 23.22 -5.51
C LYS A 290 3.84 23.61 -4.30
N LEU A 291 2.91 22.75 -3.91
CA LEU A 291 2.21 22.88 -2.63
C LEU A 291 2.40 21.60 -1.82
N LYS A 292 2.57 21.75 -0.53
CA LYS A 292 2.58 20.60 0.39
C LYS A 292 1.54 20.86 1.47
N PHE A 293 0.73 19.84 1.74
CA PHE A 293 -0.46 19.97 2.56
C PHE A 293 -0.22 19.53 4.01
N ASP A 294 -1.26 19.77 4.82
CA ASP A 294 -1.43 19.27 6.19
C ASP A 294 -0.92 17.85 6.37
N ASP A 295 -1.38 16.95 5.51
CA ASP A 295 -1.16 15.52 5.60
C ASP A 295 0.14 15.08 4.93
N PHE A 296 0.96 16.04 4.47
CA PHE A 296 2.28 15.84 3.88
C PHE A 296 2.26 15.31 2.45
N GLN A 297 1.10 15.11 1.84
CA GLN A 297 1.07 14.89 0.40
C GLN A 297 1.50 16.16 -0.32
N GLN A 298 2.13 15.99 -1.47
CA GLN A 298 2.78 17.07 -2.18
C GLN A 298 2.44 16.96 -3.67
N THR A 299 2.22 18.10 -4.31
CA THR A 299 1.90 18.14 -5.72
C THR A 299 2.72 19.26 -6.36
N THR A 300 3.13 19.02 -7.61
CA THR A 300 3.84 20.01 -8.40
C THR A 300 3.08 20.14 -9.73
N GLN A 301 2.94 21.35 -10.23
CA GLN A 301 2.58 21.46 -11.64
C GLN A 301 3.44 22.53 -12.30
N GLU A 302 3.99 22.13 -13.44
CA GLU A 302 4.99 22.87 -14.17
C GLU A 302 4.68 22.67 -15.63
N HIS A 303 5.12 23.62 -16.45
CA HIS A 303 4.79 23.56 -17.86
C HIS A 303 5.87 24.29 -18.64
N VAL A 304 5.98 23.93 -19.91
CA VAL A 304 6.78 24.69 -20.87
C VAL A 304 6.47 26.17 -20.74
N TRP A 305 7.52 26.99 -20.62
CA TRP A 305 7.36 28.43 -20.47
C TRP A 305 8.72 29.06 -20.75
N PRO A 306 8.79 30.12 -21.53
CA PRO A 306 10.09 30.56 -22.04
C PRO A 306 10.87 31.50 -21.12
N ARG A 307 10.23 32.15 -20.15
CA ARG A 307 10.90 33.21 -19.40
C ARG A 307 10.20 33.39 -18.06
N LEU A 308 10.98 33.35 -16.98
CA LEU A 308 10.46 33.51 -15.64
C LEU A 308 9.38 34.59 -15.58
N ASN A 309 8.21 34.24 -15.08
CA ASN A 309 7.06 35.13 -15.07
C ASN A 309 6.28 34.95 -13.78
N LYS A 310 6.15 36.03 -13.01
CA LYS A 310 5.55 35.94 -11.68
C LYS A 310 4.06 35.69 -11.74
N ALA A 311 3.35 36.39 -12.64
CA ALA A 311 1.91 36.27 -12.67
C ALA A 311 1.47 34.86 -13.09
N ASP A 312 2.16 34.28 -14.08
CA ASP A 312 1.85 32.91 -14.46
C ASP A 312 2.08 31.93 -13.30
N LEU A 313 3.12 32.16 -12.49
CA LEU A 313 3.30 31.29 -11.33
C LEU A 313 2.16 31.46 -10.33
N ILE A 314 1.78 32.71 -10.06
CA ILE A 314 0.61 32.98 -9.23
C ILE A 314 -0.63 32.26 -9.79
N ALA A 315 -0.87 32.39 -11.09
CA ALA A 315 -2.04 31.77 -11.71
C ALA A 315 -2.00 30.26 -11.55
N THR A 316 -0.84 29.66 -11.82
CA THR A 316 -0.70 28.22 -11.67
C THR A 316 -0.95 27.79 -10.22
N ALA A 317 -0.32 28.49 -9.26
CA ALA A 317 -0.60 28.21 -7.85
C ALA A 317 -2.09 28.34 -7.52
N ARG A 318 -2.80 29.27 -8.17
CA ARG A 318 -4.22 29.42 -7.93
C ARG A 318 -4.99 28.18 -8.35
N LYS A 319 -4.72 27.69 -9.57
CA LYS A 319 -5.37 26.47 -10.04
C LYS A 319 -5.11 25.30 -9.09
N THR A 320 -3.83 25.03 -8.79
CA THR A 320 -3.48 23.94 -7.87
C THR A 320 -4.17 24.12 -6.53
N TRP A 321 -4.26 25.36 -6.07
CA TRP A 321 -4.91 25.64 -4.78
C TRP A 321 -6.41 25.34 -4.84
N ASP A 322 -7.08 25.87 -5.85
CA ASP A 322 -8.51 25.57 -6.03
C ASP A 322 -8.73 24.09 -6.28
N GLU A 323 -8.01 23.52 -7.25
CA GLU A 323 -8.36 22.18 -7.73
C GLU A 323 -8.06 21.10 -6.70
N ARG A 324 -6.82 21.03 -6.24
CA ARG A 324 -6.32 19.87 -5.51
C ARG A 324 -5.84 20.30 -4.13
N ARG A 325 -6.74 20.31 -3.16
CA ARG A 325 -6.39 20.84 -1.85
C ARG A 325 -7.44 20.55 -0.79
N GLY A 326 -8.72 20.55 -1.20
CA GLY A 326 -9.83 20.20 -0.35
C GLY A 326 -9.73 20.65 1.09
N GLY A 327 -9.75 21.96 1.32
CA GLY A 327 -9.80 22.48 2.67
C GLY A 327 -8.70 22.05 3.63
N ARG A 328 -7.67 21.37 3.13
CA ARG A 328 -6.51 21.08 3.95
C ARG A 328 -5.67 22.34 4.16
N GLY A 329 -4.99 22.41 5.30
CA GLY A 329 -3.95 23.40 5.47
C GLY A 329 -2.76 23.12 4.56
N VAL A 330 -2.11 24.19 4.14
CA VAL A 330 -0.92 24.11 3.31
C VAL A 330 0.26 24.50 4.19
N ARG A 331 1.29 23.65 4.22
CA ARG A 331 2.47 23.98 5.01
C ARG A 331 3.62 24.53 4.18
N LEU A 332 3.63 24.28 2.86
CA LEU A 332 4.74 24.71 2.01
C LEU A 332 4.24 25.28 0.69
N VAL A 333 4.83 26.38 0.25
CA VAL A 333 4.68 26.87 -1.11
C VAL A 333 6.06 26.92 -1.75
N GLY A 334 6.16 26.43 -2.98
CA GLY A 334 7.40 26.51 -3.71
C GLY A 334 7.20 26.97 -5.14
N LEU A 335 8.24 27.63 -5.65
CA LEU A 335 8.39 27.98 -7.04
C LEU A 335 9.52 27.16 -7.64
N HIS A 336 9.45 26.95 -8.96
CA HIS A 336 10.42 26.07 -9.59
C HIS A 336 10.63 26.48 -11.04
N VAL A 337 11.84 26.26 -11.53
CA VAL A 337 12.21 26.56 -12.90
C VAL A 337 13.09 25.41 -13.40
N THR A 338 12.85 24.98 -14.64
CA THR A 338 13.71 24.01 -15.31
C THR A 338 14.55 24.75 -16.35
N LEU A 339 15.87 24.57 -16.28
CA LEU A 339 16.76 25.36 -17.13
C LEU A 339 16.83 24.79 -18.55
N LEU A 340 17.06 25.66 -19.53
CA LEU A 340 17.33 25.21 -20.89
C LEU A 340 18.52 24.27 -20.89
N ASP A 341 18.56 23.39 -21.89
CA ASP A 341 19.41 22.20 -21.86
C ASP A 341 20.92 22.41 -21.90
N PRO A 342 21.48 23.36 -22.70
CA PRO A 342 22.90 23.17 -23.09
C PRO A 342 23.90 23.12 -21.94
N GLY B 1 -44.44 -32.64 -15.10
CA GLY B 1 -44.25 -31.21 -15.24
C GLY B 1 -43.45 -30.54 -14.13
N SER B 2 -43.50 -31.13 -12.93
CA SER B 2 -42.79 -30.59 -11.78
C SER B 2 -41.36 -31.10 -11.75
N ARG B 3 -40.44 -30.22 -11.35
CA ARG B 3 -39.04 -30.57 -11.19
C ARG B 3 -38.78 -31.13 -9.80
N LYS B 4 -37.58 -31.67 -9.61
CA LYS B 4 -37.12 -32.13 -8.29
C LYS B 4 -35.81 -31.42 -7.96
N ILE B 5 -35.87 -30.43 -7.06
CA ILE B 5 -34.72 -29.61 -6.69
C ILE B 5 -34.30 -29.96 -5.27
N ILE B 6 -33.00 -30.14 -5.07
CA ILE B 6 -32.42 -30.32 -3.75
C ILE B 6 -31.43 -29.20 -3.50
N HIS B 7 -31.57 -28.54 -2.35
CA HIS B 7 -30.58 -27.61 -1.83
C HIS B 7 -29.86 -28.31 -0.67
N VAL B 8 -28.54 -28.47 -0.78
CA VAL B 8 -27.72 -29.07 0.28
C VAL B 8 -26.89 -27.96 0.91
N ASP B 9 -26.91 -27.87 2.24
CA ASP B 9 -26.22 -26.81 2.97
C ASP B 9 -25.49 -27.43 4.17
N MET B 10 -24.18 -27.20 4.27
CA MET B 10 -23.42 -27.74 5.40
C MET B 10 -23.77 -27.00 6.69
N ASP B 11 -23.66 -27.70 7.81
CA ASP B 11 -24.00 -27.14 9.11
C ASP B 11 -22.78 -26.46 9.74
N CYS B 12 -22.96 -25.19 10.13
CA CYS B 12 -21.92 -24.37 10.77
C CYS B 12 -20.54 -24.61 10.18
N PHE B 13 -20.46 -24.38 8.87
CA PHE B 13 -19.43 -24.99 8.04
C PHE B 13 -18.03 -24.75 8.59
N PHE B 14 -17.63 -23.49 8.75
CA PHE B 14 -16.26 -23.24 9.20
C PHE B 14 -16.02 -23.85 10.57
N ALA B 15 -16.98 -23.72 11.49
CA ALA B 15 -16.81 -24.24 12.85
C ALA B 15 -16.85 -25.77 12.89
N ALA B 16 -17.63 -26.40 12.01
CA ALA B 16 -17.67 -27.86 12.01
C ALA B 16 -16.33 -28.44 11.56
N VAL B 17 -15.71 -27.83 10.54
CA VAL B 17 -14.38 -28.27 10.13
C VAL B 17 -13.41 -28.16 11.29
N GLU B 18 -13.47 -27.04 12.03
CA GLU B 18 -12.54 -26.82 13.14
C GLU B 18 -12.80 -27.79 14.27
N MET B 19 -14.07 -28.10 14.55
CA MET B 19 -14.37 -29.06 15.61
C MET B 19 -13.94 -30.46 15.21
N ARG B 20 -14.16 -30.84 13.95
CA ARG B 20 -13.69 -32.15 13.48
C ARG B 20 -12.20 -32.31 13.73
N ASP B 21 -11.40 -31.31 13.35
CA ASP B 21 -9.95 -31.41 13.42
C ASP B 21 -9.41 -31.11 14.82
N ASN B 22 -10.19 -30.48 15.69
CA ASN B 22 -9.79 -30.25 17.08
C ASN B 22 -10.98 -30.63 17.96
N PRO B 23 -11.08 -31.91 18.33
CA PRO B 23 -12.25 -32.36 19.13
C PRO B 23 -12.45 -31.62 20.44
N ALA B 24 -11.40 -31.01 21.00
CA ALA B 24 -11.54 -30.26 22.24
C ALA B 24 -12.42 -29.02 22.10
N LEU B 25 -12.82 -28.65 20.87
CA LEU B 25 -13.69 -27.52 20.64
C LEU B 25 -15.15 -27.90 20.45
N ARG B 26 -15.51 -29.18 20.67
CA ARG B 26 -16.85 -29.64 20.31
C ARG B 26 -17.91 -29.04 21.23
N ASP B 27 -17.63 -28.91 22.52
CA ASP B 27 -18.66 -28.54 23.48
C ASP B 27 -18.45 -27.17 24.09
N ILE B 28 -17.51 -26.39 23.59
CA ILE B 28 -17.26 -25.04 24.06
C ILE B 28 -17.66 -24.05 22.97
N PRO B 29 -17.99 -22.80 23.29
CA PRO B 29 -18.37 -21.83 22.25
C PRO B 29 -17.16 -21.39 21.44
N ILE B 30 -17.18 -21.68 20.14
CA ILE B 30 -16.13 -21.19 19.25
C ILE B 30 -16.76 -20.36 18.13
N ALA B 31 -15.92 -19.52 17.52
CA ALA B 31 -16.31 -18.81 16.32
C ALA B 31 -15.06 -18.53 15.49
N ILE B 32 -15.26 -18.46 14.19
CA ILE B 32 -14.23 -18.03 13.25
C ILE B 32 -14.48 -16.55 12.98
N GLY B 33 -13.45 -15.73 13.14
CA GLY B 33 -13.58 -14.31 12.87
C GLY B 33 -12.35 -13.55 13.30
N GLY B 34 -12.33 -12.27 12.93
CA GLY B 34 -11.22 -11.41 13.31
C GLY B 34 -11.37 -10.83 14.70
N SER B 35 -10.23 -10.64 15.36
CA SER B 35 -10.22 -10.09 16.71
C SER B 35 -10.81 -8.68 16.75
N ARG B 36 -11.19 -8.26 17.95
CA ARG B 36 -11.69 -6.89 18.09
C ARG B 36 -10.61 -5.88 17.74
N GLU B 37 -9.39 -6.09 18.22
CA GLU B 37 -8.30 -5.15 17.93
C GLU B 37 -8.08 -5.01 16.44
N ARG B 38 -8.43 -6.04 15.66
CA ARG B 38 -8.36 -5.93 14.21
C ARG B 38 -9.69 -5.46 13.61
N ARG B 39 -10.61 -4.98 14.45
CA ARG B 39 -11.90 -4.44 14.01
C ARG B 39 -12.66 -5.47 13.19
N GLY B 40 -12.66 -6.71 13.69
CA GLY B 40 -13.20 -7.84 12.97
C GLY B 40 -14.66 -8.15 13.28
N VAL B 41 -15.13 -9.20 12.63
CA VAL B 41 -16.52 -9.62 12.67
C VAL B 41 -16.53 -11.15 12.70
N ILE B 42 -17.66 -11.73 13.13
CA ILE B 42 -17.80 -13.19 13.24
C ILE B 42 -18.18 -13.74 11.86
N SER B 43 -17.41 -14.73 11.37
CA SER B 43 -17.77 -15.43 10.13
C SER B 43 -18.85 -16.47 10.37
N THR B 44 -18.65 -17.33 11.36
CA THR B 44 -19.71 -18.22 11.82
C THR B 44 -19.35 -18.69 13.22
N ALA B 45 -20.28 -19.42 13.83
CA ALA B 45 -20.11 -19.91 15.18
C ALA B 45 -20.77 -21.28 15.30
N ASN B 46 -20.30 -22.05 16.27
CA ASN B 46 -20.94 -23.33 16.55
C ASN B 46 -22.17 -23.12 17.43
N TYR B 47 -22.90 -24.19 17.67
CA TYR B 47 -24.15 -24.07 18.43
C TYR B 47 -23.94 -23.64 19.88
N PRO B 48 -22.90 -24.07 20.59
CA PRO B 48 -22.66 -23.51 21.92
C PRO B 48 -22.57 -22.00 21.93
N ALA B 49 -21.83 -21.42 20.97
CA ALA B 49 -21.73 -19.97 20.88
C ALA B 49 -23.07 -19.34 20.49
N ARG B 50 -23.85 -20.03 19.66
CA ARG B 50 -25.10 -19.46 19.17
C ARG B 50 -26.16 -19.30 20.26
N LYS B 51 -26.14 -20.12 21.30
CA LYS B 51 -27.18 -19.96 22.31
C LYS B 51 -26.98 -18.68 23.12
N PHE B 52 -25.75 -18.14 23.13
CA PHE B 52 -25.47 -16.82 23.67
C PHE B 52 -25.90 -15.67 22.74
N GLY B 53 -26.33 -15.98 21.52
CA GLY B 53 -26.72 -14.96 20.58
C GLY B 53 -25.69 -14.68 19.50
N VAL B 54 -24.58 -15.40 19.50
CA VAL B 54 -23.51 -15.13 18.53
C VAL B 54 -23.97 -15.55 17.15
N ARG B 55 -23.69 -14.70 16.17
CA ARG B 55 -24.24 -14.81 14.82
C ARG B 55 -23.17 -14.43 13.81
N SER B 56 -23.30 -14.99 12.61
CA SER B 56 -22.53 -14.49 11.48
C SER B 56 -22.75 -12.99 11.34
N ALA B 57 -21.69 -12.30 10.92
CA ALA B 57 -21.68 -10.86 10.64
C ALA B 57 -21.74 -10.01 11.91
N MET B 58 -21.74 -10.63 13.08
CA MET B 58 -21.72 -9.87 14.33
C MET B 58 -20.33 -9.29 14.58
N PRO B 59 -20.23 -8.01 14.90
CA PRO B 59 -18.93 -7.46 15.31
C PRO B 59 -18.36 -8.26 16.47
N THR B 60 -17.07 -8.60 16.36
CA THR B 60 -16.47 -9.51 17.32
C THR B 60 -16.51 -8.96 18.74
N GLY B 61 -16.36 -7.64 18.90
CA GLY B 61 -16.43 -7.06 20.23
C GLY B 61 -17.76 -7.32 20.90
N MET B 62 -18.83 -7.32 20.12
CA MET B 62 -20.11 -7.60 20.76
C MET B 62 -20.33 -9.09 20.94
N ALA B 63 -19.75 -9.92 20.06
CA ALA B 63 -19.77 -11.36 20.30
C ALA B 63 -19.15 -11.68 21.64
N LEU B 64 -18.06 -10.98 22.00
CA LEU B 64 -17.39 -11.23 23.27
C LEU B 64 -18.22 -10.75 24.44
N LYS B 65 -18.98 -9.66 24.28
CA LYS B 65 -19.85 -9.21 25.36
C LYS B 65 -21.03 -10.16 25.56
N LEU B 66 -21.48 -10.84 24.50
CA LEU B 66 -22.55 -11.80 24.68
C LEU B 66 -22.05 -13.14 25.20
N CYS B 67 -20.78 -13.45 24.97
CA CYS B 67 -20.23 -14.77 25.22
C CYS B 67 -18.76 -14.63 25.57
N PRO B 68 -18.46 -14.17 26.79
CA PRO B 68 -17.07 -13.81 27.13
C PRO B 68 -16.12 -14.98 27.12
N HIS B 69 -16.60 -16.21 27.14
CA HIS B 69 -15.73 -17.38 27.04
C HIS B 69 -15.56 -17.85 25.60
N LEU B 70 -15.97 -17.03 24.63
CA LEU B 70 -15.89 -17.40 23.23
C LEU B 70 -14.44 -17.69 22.85
N THR B 71 -14.21 -18.79 22.17
CA THR B 71 -12.89 -19.07 21.63
C THR B 71 -12.89 -18.65 20.16
N LEU B 72 -11.94 -17.80 19.80
CA LEU B 72 -11.92 -17.15 18.50
C LEU B 72 -10.87 -17.81 17.62
N LEU B 73 -11.28 -18.33 16.46
CA LEU B 73 -10.33 -18.96 15.54
C LEU B 73 -10.12 -18.10 14.30
N PRO B 74 -8.92 -18.09 13.71
CA PRO B 74 -8.66 -17.25 12.53
C PRO B 74 -9.14 -17.86 11.22
N GLY B 75 -9.47 -19.14 11.18
CA GLY B 75 -9.97 -19.73 9.94
C GLY B 75 -8.86 -20.26 9.05
N ARG B 76 -8.99 -21.52 8.65
CA ARG B 76 -8.03 -22.20 7.79
C ARG B 76 -8.70 -22.39 6.43
N PHE B 77 -8.50 -21.43 5.52
CA PHE B 77 -9.27 -21.44 4.28
C PHE B 77 -9.02 -22.70 3.46
N ASP B 78 -7.77 -23.15 3.38
CA ASP B 78 -7.50 -24.33 2.53
C ASP B 78 -8.14 -25.58 3.10
N ALA B 79 -8.38 -25.62 4.41
CA ALA B 79 -9.19 -26.71 4.98
C ALA B 79 -10.63 -26.63 4.48
N TYR B 80 -11.18 -25.42 4.39
CA TYR B 80 -12.57 -25.26 3.97
C TYR B 80 -12.75 -25.51 2.47
N LYS B 81 -11.79 -25.05 1.66
CA LYS B 81 -11.84 -25.37 0.22
C LYS B 81 -11.72 -26.87 -0.01
N GLU B 82 -10.90 -27.54 0.79
CA GLU B 82 -10.74 -28.98 0.64
C GLU B 82 -12.06 -29.72 0.86
N ALA B 83 -12.74 -29.42 1.97
CA ALA B 83 -14.06 -30.00 2.23
C ALA B 83 -15.05 -29.65 1.11
N SER B 84 -15.03 -28.39 0.66
CA SER B 84 -15.96 -27.92 -0.37
C SER B 84 -15.77 -28.68 -1.69
N ASN B 85 -14.53 -28.83 -2.15
CA ASN B 85 -14.31 -29.61 -3.37
C ASN B 85 -14.80 -31.04 -3.19
N HIS B 86 -14.59 -31.61 -2.00
CA HIS B 86 -15.02 -32.99 -1.74
C HIS B 86 -16.53 -33.12 -1.85
N ILE B 87 -17.29 -32.16 -1.30
CA ILE B 87 -18.74 -32.35 -1.30
C ILE B 87 -19.31 -32.17 -2.71
N ARG B 88 -18.74 -31.26 -3.52
CA ARG B 88 -19.25 -31.13 -4.88
C ARG B 88 -18.91 -32.36 -5.71
N GLU B 89 -17.78 -33.03 -5.41
CA GLU B 89 -17.48 -34.30 -6.08
C GLU B 89 -18.50 -35.35 -5.69
N ILE B 90 -18.95 -35.35 -4.44
CA ILE B 90 -20.02 -36.25 -4.03
C ILE B 90 -21.30 -35.93 -4.81
N PHE B 91 -21.65 -34.65 -4.89
CA PHE B 91 -22.81 -34.23 -5.67
C PHE B 91 -22.73 -34.76 -7.10
N SER B 92 -21.51 -34.80 -7.65
CA SER B 92 -21.35 -35.18 -9.04
C SER B 92 -21.61 -36.65 -9.26
N ARG B 93 -21.58 -37.47 -8.21
CA ARG B 93 -21.93 -38.88 -8.37
C ARG B 93 -23.40 -39.06 -8.69
N TYR B 94 -24.24 -38.10 -8.32
CA TYR B 94 -25.70 -38.21 -8.40
C TYR B 94 -26.29 -37.51 -9.61
N THR B 95 -25.73 -36.35 -9.98
CA THR B 95 -26.14 -35.63 -11.17
C THR B 95 -25.03 -34.68 -11.58
N SER B 96 -25.02 -34.32 -12.86
CA SER B 96 -24.18 -33.25 -13.35
C SER B 96 -24.82 -31.88 -13.22
N ARG B 97 -26.11 -31.82 -12.92
CA ARG B 97 -26.83 -30.55 -12.83
C ARG B 97 -26.64 -30.02 -11.41
N ILE B 98 -25.54 -29.29 -11.22
CA ILE B 98 -25.10 -28.79 -9.92
C ILE B 98 -24.82 -27.30 -10.06
N GLU B 99 -25.45 -26.49 -9.20
CA GLU B 99 -25.19 -25.05 -9.13
C GLU B 99 -24.70 -24.71 -7.72
N PRO B 100 -23.38 -24.70 -7.50
CA PRO B 100 -22.86 -24.23 -6.20
C PRO B 100 -23.19 -22.76 -5.99
N LEU B 101 -23.53 -22.40 -4.76
CA LEU B 101 -23.82 -21.02 -4.40
C LEU B 101 -22.76 -20.41 -3.48
N SER B 102 -21.91 -21.24 -2.91
CA SER B 102 -20.83 -20.87 -2.01
C SER B 102 -20.00 -22.13 -1.84
N LEU B 103 -18.97 -22.07 -1.00
CA LEU B 103 -18.21 -23.29 -0.72
C LEU B 103 -19.11 -24.39 -0.16
N ASP B 104 -20.13 -24.03 0.63
CA ASP B 104 -20.79 -25.01 1.49
C ASP B 104 -22.20 -25.38 1.05
N GLU B 105 -22.67 -24.89 -0.09
CA GLU B 105 -24.03 -25.23 -0.51
C GLU B 105 -24.13 -25.26 -2.02
N ALA B 106 -25.13 -26.00 -2.51
CA ALA B 106 -25.42 -26.10 -3.94
C ALA B 106 -26.87 -26.51 -4.13
N TYR B 107 -27.47 -26.05 -5.23
CA TYR B 107 -28.67 -26.67 -5.74
C TYR B 107 -28.31 -27.87 -6.61
N LEU B 108 -29.18 -28.88 -6.60
CA LEU B 108 -29.10 -30.01 -7.50
C LEU B 108 -30.46 -30.21 -8.16
N ASP B 109 -30.46 -30.50 -9.46
CA ASP B 109 -31.68 -30.84 -10.17
C ASP B 109 -31.63 -32.34 -10.42
N VAL B 110 -32.55 -33.07 -9.78
CA VAL B 110 -32.60 -34.53 -9.95
C VAL B 110 -33.94 -34.92 -10.55
N THR B 111 -34.51 -34.06 -11.40
CA THR B 111 -35.75 -34.42 -12.08
C THR B 111 -35.58 -35.72 -12.87
N ASP B 112 -34.41 -35.92 -13.49
CA ASP B 112 -34.19 -37.05 -14.39
C ASP B 112 -33.19 -38.06 -13.83
N SER B 113 -33.28 -38.36 -12.53
CA SER B 113 -32.29 -39.19 -11.87
C SER B 113 -32.67 -40.66 -11.88
N VAL B 114 -31.69 -41.51 -12.23
CA VAL B 114 -31.83 -42.96 -12.12
C VAL B 114 -31.39 -43.48 -10.75
N HIS B 115 -31.15 -42.60 -9.79
CA HIS B 115 -30.75 -43.03 -8.46
C HIS B 115 -31.96 -43.13 -7.56
N CYS B 116 -31.90 -44.08 -6.62
CA CYS B 116 -32.92 -44.23 -5.58
C CYS B 116 -34.32 -44.25 -6.16
N HIS B 117 -34.46 -44.89 -7.32
CA HIS B 117 -35.73 -44.98 -8.04
C HIS B 117 -36.35 -43.60 -8.26
N GLY B 118 -35.49 -42.59 -8.41
CA GLY B 118 -35.95 -41.25 -8.66
C GLY B 118 -36.55 -40.56 -7.45
N SER B 119 -36.27 -41.04 -6.25
CA SER B 119 -36.73 -40.36 -5.03
C SER B 119 -35.77 -39.24 -4.67
N ALA B 120 -36.24 -37.99 -4.78
CA ALA B 120 -35.40 -36.90 -4.34
C ALA B 120 -35.15 -36.97 -2.83
N THR B 121 -36.10 -37.53 -2.09
CA THR B 121 -35.92 -37.68 -0.65
C THR B 121 -34.78 -38.63 -0.33
N LEU B 122 -34.75 -39.79 -1.01
CA LEU B 122 -33.70 -40.75 -0.72
C LEU B 122 -32.35 -40.28 -1.24
N ILE B 123 -32.34 -39.65 -2.42
CA ILE B 123 -31.10 -39.05 -2.93
C ILE B 123 -30.54 -38.04 -1.94
N ALA B 124 -31.40 -37.15 -1.44
CA ALA B 124 -30.95 -36.19 -0.44
C ALA B 124 -30.38 -36.90 0.79
N GLN B 125 -31.08 -37.94 1.29
CA GLN B 125 -30.60 -38.67 2.47
C GLN B 125 -29.25 -39.31 2.19
N GLU B 126 -29.06 -39.85 0.98
CA GLU B 126 -27.82 -40.53 0.66
C GLU B 126 -26.66 -39.56 0.54
N ILE B 127 -26.93 -38.37 0.01
CA ILE B 127 -25.87 -37.38 -0.12
C ILE B 127 -25.40 -36.94 1.25
N ARG B 128 -26.34 -36.62 2.15
CA ARG B 128 -25.97 -36.21 3.50
C ARG B 128 -25.19 -37.29 4.22
N GLN B 129 -25.65 -38.55 4.09
CA GLN B 129 -24.98 -39.68 4.72
C GLN B 129 -23.59 -39.88 4.14
N THR B 130 -23.50 -39.87 2.81
CA THR B 130 -22.18 -39.94 2.19
C THR B 130 -21.29 -38.79 2.63
N ILE B 131 -21.85 -37.61 2.86
CA ILE B 131 -21.03 -36.48 3.31
C ILE B 131 -20.53 -36.72 4.73
N PHE B 132 -21.37 -37.26 5.60
CA PHE B 132 -20.93 -37.56 6.96
C PHE B 132 -19.85 -38.63 6.96
N ASN B 133 -20.13 -39.75 6.30
CA ASN B 133 -19.01 -40.61 5.89
C ASN B 133 -18.04 -39.79 5.01
N GLU B 134 -16.77 -40.22 4.93
CA GLU B 134 -15.80 -39.55 4.07
C GLU B 134 -15.30 -38.21 4.63
N LEU B 135 -16.18 -37.36 5.16
CA LEU B 135 -15.75 -36.04 5.64
C LEU B 135 -15.98 -35.78 7.12
N GLN B 136 -16.78 -36.60 7.81
CA GLN B 136 -17.09 -36.40 9.23
C GLN B 136 -17.70 -35.02 9.49
N LEU B 137 -18.57 -34.57 8.59
CA LEU B 137 -19.30 -33.32 8.74
C LEU B 137 -20.75 -33.58 8.41
N THR B 138 -21.64 -32.79 9.02
CA THR B 138 -23.07 -32.94 8.78
C THR B 138 -23.57 -31.86 7.83
N ALA B 139 -24.53 -32.27 7.02
CA ALA B 139 -25.22 -31.40 6.09
C ALA B 139 -26.72 -31.50 6.32
N SER B 140 -27.42 -30.45 5.93
CA SER B 140 -28.87 -30.43 5.89
C SER B 140 -29.30 -30.21 4.46
N ALA B 141 -30.55 -30.57 4.16
CA ALA B 141 -30.99 -30.52 2.78
C ALA B 141 -32.48 -30.22 2.72
N GLY B 142 -32.87 -29.57 1.65
CA GLY B 142 -34.27 -29.32 1.36
C GLY B 142 -34.61 -29.83 -0.02
N VAL B 143 -35.85 -30.28 -0.15
CA VAL B 143 -36.34 -30.89 -1.39
C VAL B 143 -37.67 -30.25 -1.74
N ALA B 144 -37.78 -29.71 -2.95
CA ALA B 144 -38.97 -28.96 -3.30
C ALA B 144 -39.09 -28.90 -4.83
N PRO B 145 -40.23 -28.44 -5.35
CA PRO B 145 -40.38 -28.36 -6.82
C PRO B 145 -39.64 -27.21 -7.47
N VAL B 146 -39.18 -26.22 -6.70
CA VAL B 146 -38.45 -25.06 -7.23
C VAL B 146 -37.33 -24.67 -6.25
N LYS B 147 -36.45 -23.78 -6.75
CA LYS B 147 -35.23 -23.38 -6.04
C LYS B 147 -35.51 -22.78 -4.65
N PHE B 148 -36.32 -21.70 -4.58
CA PHE B 148 -36.36 -20.96 -3.31
C PHE B 148 -37.00 -21.77 -2.19
N LEU B 149 -37.91 -22.68 -2.53
CA LEU B 149 -38.50 -23.56 -1.52
C LEU B 149 -37.53 -24.66 -1.10
N ALA B 150 -36.73 -25.21 -2.02
CA ALA B 150 -35.72 -26.16 -1.58
C ALA B 150 -34.74 -25.50 -0.62
N LYS B 151 -34.37 -24.25 -0.90
CA LYS B 151 -33.44 -23.54 -0.03
C LYS B 151 -34.05 -23.27 1.33
N ILE B 152 -35.30 -22.79 1.35
CA ILE B 152 -36.01 -22.59 2.61
C ILE B 152 -36.14 -23.92 3.35
N ALA B 153 -36.48 -24.99 2.63
CA ALA B 153 -36.67 -26.27 3.28
C ALA B 153 -35.39 -26.78 3.92
N SER B 154 -34.22 -26.43 3.35
CA SER B 154 -32.98 -26.96 3.91
C SER B 154 -32.69 -26.40 5.29
N ASP B 155 -33.33 -25.31 5.68
CA ASP B 155 -33.08 -24.73 6.99
C ASP B 155 -34.08 -25.18 8.05
N MET B 156 -35.11 -25.94 7.67
CA MET B 156 -36.19 -26.23 8.62
C MET B 156 -35.86 -27.36 9.58
N ASN B 157 -34.99 -28.28 9.21
CA ASN B 157 -34.53 -29.34 10.09
C ASN B 157 -33.02 -29.30 10.29
N LYS B 158 -32.39 -28.11 10.20
CA LYS B 158 -30.96 -28.02 10.52
C LYS B 158 -30.79 -28.07 12.03
N PRO B 159 -29.68 -28.66 12.51
CA PRO B 159 -28.64 -29.33 11.74
C PRO B 159 -28.96 -30.80 11.46
N ASN B 160 -28.25 -31.38 10.49
CA ASN B 160 -28.22 -32.81 10.25
C ASN B 160 -29.62 -33.39 10.04
N GLY B 161 -30.40 -32.74 9.19
CA GLY B 161 -31.73 -33.22 8.87
C GLY B 161 -32.16 -32.64 7.54
N GLN B 162 -33.34 -33.08 7.08
CA GLN B 162 -33.84 -32.58 5.82
C GLN B 162 -35.35 -32.38 5.91
N PHE B 163 -35.89 -31.73 4.87
CA PHE B 163 -37.31 -31.43 4.82
C PHE B 163 -37.73 -31.39 3.36
N VAL B 164 -38.93 -31.92 3.08
CA VAL B 164 -39.43 -32.13 1.73
C VAL B 164 -40.75 -31.39 1.60
N ILE B 165 -40.92 -30.68 0.49
CA ILE B 165 -42.16 -29.97 0.17
C ILE B 165 -42.66 -30.52 -1.16
N THR B 166 -43.78 -31.24 -1.14
CA THR B 166 -44.35 -31.77 -2.37
C THR B 166 -45.20 -30.68 -3.04
N PRO B 167 -45.45 -30.80 -4.34
CA PRO B 167 -46.34 -29.82 -4.98
C PRO B 167 -47.70 -29.66 -4.29
N ALA B 168 -48.28 -30.73 -3.77
CA ALA B 168 -49.57 -30.63 -3.08
C ALA B 168 -49.47 -29.82 -1.78
N GLU B 169 -48.29 -29.73 -1.17
CA GLU B 169 -48.13 -29.03 0.09
C GLU B 169 -47.80 -27.54 -0.10
N VAL B 170 -47.46 -27.11 -1.31
CA VAL B 170 -47.00 -25.74 -1.51
C VAL B 170 -48.04 -24.70 -1.12
N PRO B 171 -49.32 -24.81 -1.53
CA PRO B 171 -50.30 -23.80 -1.09
C PRO B 171 -50.38 -23.60 0.42
N ALA B 172 -50.49 -24.70 1.20
CA ALA B 172 -50.49 -24.58 2.67
C ALA B 172 -49.18 -23.98 3.16
N PHE B 173 -48.05 -24.41 2.60
CA PHE B 173 -46.77 -23.97 3.10
C PHE B 173 -46.58 -22.46 2.91
N LEU B 174 -47.07 -21.93 1.78
CA LEU B 174 -46.89 -20.53 1.44
C LEU B 174 -47.79 -19.60 2.26
N GLN B 175 -49.01 -20.06 2.59
CA GLN B 175 -50.04 -19.16 3.10
C GLN B 175 -49.53 -18.31 4.26
N THR B 176 -48.71 -18.91 5.11
CA THR B 176 -48.23 -18.36 6.36
C THR B 176 -46.72 -18.14 6.33
N LEU B 177 -46.07 -18.42 5.21
CA LEU B 177 -44.63 -18.22 5.07
C LEU B 177 -44.26 -16.74 5.18
N PRO B 178 -43.43 -16.35 6.14
CA PRO B 178 -43.02 -14.93 6.25
C PRO B 178 -42.21 -14.51 5.03
N LEU B 179 -42.55 -13.35 4.46
CA LEU B 179 -41.82 -12.85 3.30
C LEU B 179 -40.32 -12.79 3.54
N ALA B 180 -39.91 -12.48 4.79
CA ALA B 180 -38.50 -12.43 5.14
C ALA B 180 -37.77 -13.76 4.96
N LYS B 181 -38.50 -14.89 4.94
CA LYS B 181 -37.84 -16.16 4.67
C LYS B 181 -37.42 -16.29 3.20
N ILE B 182 -38.06 -15.58 2.30
CA ILE B 182 -37.72 -15.67 0.87
C ILE B 182 -36.31 -15.16 0.64
N PRO B 183 -35.42 -15.97 0.06
CA PRO B 183 -34.06 -15.50 -0.20
C PRO B 183 -34.10 -14.27 -1.10
N GLY B 184 -33.28 -13.28 -0.75
CA GLY B 184 -33.32 -12.00 -1.42
C GLY B 184 -34.27 -11.00 -0.81
N VAL B 185 -35.13 -11.42 0.12
CA VAL B 185 -35.94 -10.49 0.91
C VAL B 185 -35.19 -10.30 2.22
N GLY B 186 -34.46 -9.19 2.32
CA GLY B 186 -33.65 -8.90 3.47
C GLY B 186 -34.29 -7.90 4.40
N LYS B 187 -33.44 -7.32 5.27
CA LYS B 187 -33.92 -6.45 6.33
C LYS B 187 -34.69 -5.25 5.77
N VAL B 188 -34.11 -4.55 4.79
CA VAL B 188 -34.74 -3.34 4.28
C VAL B 188 -36.06 -3.68 3.59
N SER B 189 -36.05 -4.71 2.74
CA SER B 189 -37.26 -5.08 2.01
C SER B 189 -38.35 -5.55 2.96
N ALA B 190 -38.01 -6.43 3.91
CA ALA B 190 -39.03 -6.93 4.85
C ALA B 190 -39.71 -5.79 5.58
N ALA B 191 -38.93 -4.80 6.03
CA ALA B 191 -39.54 -3.70 6.77
C ALA B 191 -40.39 -2.81 5.87
N LYS B 192 -39.96 -2.61 4.63
CA LYS B 192 -40.80 -1.84 3.71
C LYS B 192 -42.11 -2.56 3.44
N LEU B 193 -42.07 -3.89 3.33
CA LEU B 193 -43.29 -4.67 3.15
C LEU B 193 -44.19 -4.58 4.38
N GLU B 194 -43.60 -4.77 5.58
CA GLU B 194 -44.37 -4.70 6.81
C GLU B 194 -45.01 -3.33 6.99
N ALA B 195 -44.30 -2.27 6.57
CA ALA B 195 -44.84 -0.92 6.65
C ALA B 195 -46.14 -0.79 5.85
N MET B 196 -46.28 -1.57 4.78
CA MET B 196 -47.52 -1.56 4.00
C MET B 196 -48.38 -2.78 4.28
N GLY B 197 -48.22 -3.38 5.47
CA GLY B 197 -49.09 -4.44 5.93
C GLY B 197 -48.86 -5.80 5.31
N LEU B 198 -47.74 -6.03 4.65
CA LEU B 198 -47.44 -7.31 4.02
C LEU B 198 -46.40 -8.02 4.88
N ARG B 199 -46.80 -9.12 5.51
CA ARG B 199 -45.85 -9.93 6.26
C ARG B 199 -45.64 -11.33 5.69
N THR B 200 -46.64 -11.94 5.08
CA THR B 200 -46.56 -13.32 4.64
C THR B 200 -46.83 -13.44 3.15
N CYS B 201 -46.43 -14.58 2.58
CA CYS B 201 -46.78 -14.84 1.19
C CYS B 201 -48.29 -14.81 0.97
N GLY B 202 -49.06 -15.27 1.98
CA GLY B 202 -50.50 -15.13 1.89
C GLY B 202 -50.94 -13.69 1.72
N ASP B 203 -50.26 -12.75 2.40
CA ASP B 203 -50.59 -11.34 2.24
C ASP B 203 -50.38 -10.89 0.79
N VAL B 204 -49.25 -11.26 0.19
CA VAL B 204 -48.92 -10.78 -1.15
C VAL B 204 -49.83 -11.36 -2.20
N GLN B 205 -50.29 -12.60 -2.00
CA GLN B 205 -51.28 -13.18 -2.91
C GLN B 205 -52.54 -12.34 -3.02
N LYS B 206 -52.89 -11.64 -1.94
CA LYS B 206 -54.04 -10.76 -1.97
C LYS B 206 -53.74 -9.39 -2.56
N CYS B 207 -52.59 -9.20 -3.21
CA CYS B 207 -52.15 -7.90 -3.71
C CYS B 207 -52.26 -7.85 -5.22
N ASP B 208 -52.47 -6.65 -5.73
CA ASP B 208 -52.40 -6.38 -7.16
C ASP B 208 -50.96 -6.35 -7.64
N LEU B 209 -50.67 -7.07 -8.73
CA LEU B 209 -49.32 -7.14 -9.25
C LEU B 209 -48.80 -5.78 -9.71
N VAL B 210 -49.69 -4.93 -10.26
CA VAL B 210 -49.25 -3.62 -10.75
C VAL B 210 -48.75 -2.75 -9.61
N MET B 211 -49.42 -2.80 -8.45
CA MET B 211 -48.93 -2.02 -7.31
C MET B 211 -47.54 -2.48 -6.90
N LEU B 212 -47.31 -3.80 -6.94
CA LEU B 212 -45.99 -4.35 -6.58
C LEU B 212 -44.92 -3.92 -7.57
N LEU B 213 -45.21 -4.00 -8.87
CA LEU B 213 -44.31 -3.41 -9.86
C LEU B 213 -44.08 -1.93 -9.59
N LYS B 214 -45.16 -1.19 -9.31
CA LYS B 214 -45.05 0.23 -8.99
C LYS B 214 -44.12 0.47 -7.80
N ARG B 215 -44.40 -0.18 -6.67
CA ARG B 215 -43.67 0.11 -5.45
C ARG B 215 -42.29 -0.52 -5.40
N PHE B 216 -42.06 -1.61 -6.15
CA PHE B 216 -40.82 -2.36 -6.02
C PHE B 216 -40.10 -2.61 -7.33
N GLY B 217 -40.69 -2.28 -8.48
CA GLY B 217 -40.03 -2.56 -9.74
C GLY B 217 -39.96 -4.05 -9.99
N LYS B 218 -38.83 -4.49 -10.55
CA LYS B 218 -38.65 -5.91 -10.88
C LYS B 218 -38.81 -6.78 -9.65
N PHE B 219 -38.21 -6.37 -8.52
CA PHE B 219 -38.34 -7.10 -7.27
C PHE B 219 -39.80 -7.39 -6.93
N GLY B 220 -40.71 -6.48 -7.28
CA GLY B 220 -42.11 -6.70 -7.00
C GLY B 220 -42.71 -7.83 -7.82
N ARG B 221 -42.17 -8.09 -9.00
CA ARG B 221 -42.62 -9.26 -9.75
C ARG B 221 -42.11 -10.54 -9.11
N ILE B 222 -40.83 -10.57 -8.75
CA ILE B 222 -40.27 -11.70 -7.99
C ILE B 222 -41.15 -12.01 -6.78
N LEU B 223 -41.43 -10.99 -5.96
CA LEU B 223 -42.23 -11.20 -4.76
C LEU B 223 -43.61 -11.76 -5.09
N TRP B 224 -44.26 -11.22 -6.13
CA TRP B 224 -45.55 -11.74 -6.55
C TRP B 224 -45.46 -13.22 -6.94
N GLU B 225 -44.43 -13.59 -7.72
CA GLU B 225 -44.29 -14.97 -8.16
C GLU B 225 -44.00 -15.90 -6.99
N ARG B 226 -42.96 -15.61 -6.21
CA ARG B 226 -42.57 -16.49 -5.12
C ARG B 226 -43.71 -16.67 -4.13
N SER B 227 -44.52 -15.62 -3.91
CA SER B 227 -45.66 -15.73 -3.00
C SER B 227 -46.69 -16.74 -3.47
N GLN B 228 -46.54 -17.27 -4.68
CA GLN B 228 -47.41 -18.30 -5.22
C GLN B 228 -46.66 -19.57 -5.56
N GLY B 229 -45.43 -19.73 -5.10
CA GLY B 229 -44.66 -20.91 -5.46
C GLY B 229 -44.10 -20.88 -6.85
N ILE B 230 -44.24 -19.76 -7.58
CA ILE B 230 -43.65 -19.65 -8.91
C ILE B 230 -42.18 -19.27 -8.78
N ASP B 231 -41.33 -20.05 -9.43
CA ASP B 231 -39.89 -19.81 -9.45
C ASP B 231 -39.26 -20.65 -10.55
N GLU B 232 -39.18 -20.08 -11.75
CA GLU B 232 -38.78 -20.80 -12.96
C GLU B 232 -37.27 -20.83 -13.15
N ARG B 233 -36.50 -20.29 -12.20
CA ARG B 233 -35.05 -20.31 -12.33
C ARG B 233 -34.54 -21.74 -12.47
N ASP B 234 -33.82 -21.99 -13.56
CA ASP B 234 -33.23 -23.30 -13.81
C ASP B 234 -31.92 -23.43 -13.05
N VAL B 235 -31.64 -24.64 -12.55
CA VAL B 235 -30.33 -24.96 -12.01
C VAL B 235 -29.28 -24.84 -13.11
N ASN B 236 -28.24 -24.05 -12.86
CA ASN B 236 -27.23 -23.70 -13.87
C ASN B 236 -25.85 -24.17 -13.41
N SER B 237 -25.31 -25.18 -14.08
CA SER B 237 -24.00 -25.71 -13.77
C SER B 237 -22.87 -24.96 -14.48
N GLU B 238 -23.18 -23.90 -15.23
CA GLU B 238 -22.18 -23.24 -16.07
C GLU B 238 -21.85 -21.81 -15.61
N ARG B 239 -22.12 -21.48 -14.35
CA ARG B 239 -21.87 -20.13 -13.88
C ARG B 239 -20.38 -19.92 -13.61
N LEU B 240 -19.89 -18.74 -14.01
CA LEU B 240 -18.50 -18.36 -13.83
C LEU B 240 -18.43 -17.03 -13.07
N ARG B 241 -17.43 -16.91 -12.21
CA ARG B 241 -17.21 -15.65 -11.51
C ARG B 241 -17.01 -14.51 -12.49
N LYS B 242 -17.54 -13.32 -12.15
CA LYS B 242 -17.46 -12.14 -13.00
C LYS B 242 -16.54 -11.05 -12.48
N SER B 243 -15.94 -11.22 -11.30
CA SER B 243 -15.15 -10.15 -10.72
C SER B 243 -14.22 -10.74 -9.68
N VAL B 244 -13.09 -10.06 -9.46
CA VAL B 244 -12.11 -10.46 -8.45
C VAL B 244 -11.71 -9.21 -7.70
N GLY B 245 -11.66 -9.30 -6.38
CA GLY B 245 -11.29 -8.18 -5.55
C GLY B 245 -10.40 -8.63 -4.41
N VAL B 246 -9.59 -7.69 -3.92
CA VAL B 246 -8.82 -7.85 -2.69
C VAL B 246 -8.96 -6.55 -1.90
N GLU B 247 -9.21 -6.67 -0.59
CA GLU B 247 -9.40 -5.48 0.23
C GLU B 247 -9.05 -5.77 1.69
N ARG B 248 -8.64 -4.72 2.40
CA ARG B 248 -8.21 -4.87 3.78
C ARG B 248 -8.71 -3.72 4.64
N THR B 249 -9.22 -4.07 5.82
CA THR B 249 -9.59 -3.11 6.85
C THR B 249 -8.44 -2.99 7.85
N MET B 250 -7.90 -1.78 8.00
CA MET B 250 -6.79 -1.55 8.91
C MET B 250 -7.27 -1.49 10.36
N ALA B 251 -6.34 -1.78 11.29
CA ALA B 251 -6.65 -1.65 12.70
C ALA B 251 -6.84 -0.19 13.11
N GLU B 252 -6.14 0.73 12.45
CA GLU B 252 -6.26 2.16 12.67
C GLU B 252 -6.59 2.85 11.36
N ASP B 253 -7.49 3.82 11.38
CA ASP B 253 -7.76 4.62 10.19
C ASP B 253 -6.48 5.29 9.71
N ILE B 254 -6.30 5.40 8.37
CA ILE B 254 -5.15 6.13 7.83
C ILE B 254 -5.57 7.55 7.47
N HIS B 255 -4.61 8.48 7.50
CA HIS B 255 -4.90 9.87 7.17
C HIS B 255 -3.94 10.46 6.16
N HIS B 256 -2.98 9.68 5.67
CA HIS B 256 -1.93 10.16 4.78
C HIS B 256 -1.95 9.33 3.50
N TRP B 257 -1.88 10.01 2.36
CA TRP B 257 -1.87 9.34 1.07
C TRP B 257 -0.75 8.29 0.98
N SER B 258 0.44 8.60 1.51
CA SER B 258 1.53 7.62 1.46
C SER B 258 1.18 6.31 2.16
N GLU B 259 0.29 6.36 3.17
CA GLU B 259 -0.17 5.10 3.77
C GLU B 259 -1.10 4.35 2.82
N CYS B 260 -1.98 5.07 2.12
CA CYS B 260 -2.89 4.44 1.18
C CYS B 260 -2.12 3.79 0.04
N GLU B 261 -1.14 4.52 -0.51
CA GLU B 261 -0.23 3.99 -1.52
C GLU B 261 0.48 2.75 -1.01
N ALA B 262 0.98 2.77 0.23
CA ALA B 262 1.74 1.62 0.70
C ALA B 262 0.84 0.39 0.87
N ILE B 263 -0.43 0.59 1.24
CA ILE B 263 -1.34 -0.54 1.35
C ILE B 263 -1.64 -1.13 -0.02
N ILE B 264 -1.83 -0.26 -1.02
CA ILE B 264 -2.07 -0.73 -2.38
C ILE B 264 -0.91 -1.59 -2.85
N GLU B 265 0.34 -1.19 -2.54
CA GLU B 265 1.50 -1.98 -2.93
C GLU B 265 1.45 -3.36 -2.32
N ARG B 266 0.85 -3.51 -1.13
CA ARG B 266 0.74 -4.82 -0.52
C ARG B 266 -0.47 -5.58 -1.03
N LEU B 267 -1.51 -4.89 -1.50
CA LEU B 267 -2.66 -5.59 -2.04
C LEU B 267 -2.44 -6.05 -3.47
N TYR B 268 -1.65 -5.31 -4.25
CA TYR B 268 -1.57 -5.63 -5.67
C TYR B 268 -1.03 -7.03 -5.95
N PRO B 269 0.03 -7.51 -5.28
CA PRO B 269 0.51 -8.88 -5.59
C PRO B 269 -0.55 -9.94 -5.43
N GLU B 270 -1.33 -9.89 -4.35
CA GLU B 270 -2.37 -10.89 -4.13
C GLU B 270 -3.46 -10.80 -5.20
N LEU B 271 -3.82 -9.59 -5.63
CA LEU B 271 -4.80 -9.46 -6.69
C LEU B 271 -4.29 -10.08 -7.98
N GLU B 272 -3.00 -9.88 -8.29
CA GLU B 272 -2.42 -10.44 -9.50
C GLU B 272 -2.50 -11.95 -9.50
N ARG B 273 -2.14 -12.59 -8.38
CA ARG B 273 -2.16 -14.05 -8.29
C ARG B 273 -3.57 -14.61 -8.42
N ARG B 274 -4.53 -13.99 -7.73
CA ARG B 274 -5.90 -14.48 -7.80
C ARG B 274 -6.45 -14.32 -9.21
N LEU B 275 -6.06 -13.25 -9.90
CA LEU B 275 -6.51 -13.05 -11.28
C LEU B 275 -5.83 -14.04 -12.23
N ALA B 276 -4.57 -14.38 -11.95
CA ALA B 276 -3.81 -15.23 -12.87
C ALA B 276 -4.35 -16.65 -12.88
N LYS B 277 -4.90 -17.11 -11.76
CA LYS B 277 -5.48 -18.45 -11.72
C LYS B 277 -6.61 -18.61 -12.74
N VAL B 278 -7.40 -17.55 -12.94
CA VAL B 278 -8.57 -17.63 -13.80
C VAL B 278 -8.36 -16.94 -15.13
N LYS B 279 -7.34 -16.11 -15.28
CA LYS B 279 -6.96 -15.57 -16.59
C LYS B 279 -5.47 -15.29 -16.59
N PRO B 280 -4.67 -16.24 -17.05
CA PRO B 280 -3.19 -16.06 -17.01
C PRO B 280 -2.68 -14.79 -17.69
N ASP B 281 -3.32 -14.33 -18.76
CA ASP B 281 -2.85 -13.14 -19.45
C ASP B 281 -3.36 -11.85 -18.82
N LEU B 282 -4.01 -11.92 -17.65
CA LEU B 282 -4.46 -10.75 -16.87
C LEU B 282 -5.31 -9.79 -17.70
N LEU B 283 -5.98 -10.29 -18.74
CA LEU B 283 -6.81 -9.44 -19.57
C LEU B 283 -8.19 -9.31 -18.93
N ILE B 284 -8.69 -8.07 -18.84
CA ILE B 284 -9.89 -7.77 -18.05
C ILE B 284 -10.73 -6.74 -18.80
N ALA B 285 -11.94 -6.50 -18.28
CA ALA B 285 -12.80 -5.44 -18.82
C ALA B 285 -12.66 -4.13 -18.06
N ARG B 286 -12.58 -4.20 -16.73
CA ARG B 286 -12.55 -3.02 -15.87
C ARG B 286 -11.60 -3.27 -14.71
N GLN B 287 -11.08 -2.18 -14.14
CA GLN B 287 -10.38 -2.27 -12.87
C GLN B 287 -10.58 -0.98 -12.10
N GLY B 288 -10.37 -1.05 -10.79
CA GLY B 288 -10.51 0.13 -9.96
C GLY B 288 -10.32 -0.18 -8.49
N VAL B 289 -10.78 0.75 -7.64
CA VAL B 289 -10.39 0.79 -6.24
C VAL B 289 -11.62 1.07 -5.39
N LYS B 290 -11.44 0.86 -4.09
CA LYS B 290 -12.47 1.08 -3.10
C LYS B 290 -11.83 1.72 -1.89
N LEU B 291 -12.51 2.71 -1.33
CA LEU B 291 -12.15 3.31 -0.06
C LEU B 291 -13.38 3.30 0.82
N LYS B 292 -13.21 2.90 2.06
CA LYS B 292 -14.26 3.01 3.05
C LYS B 292 -13.75 3.93 4.15
N PHE B 293 -14.62 4.86 4.60
CA PHE B 293 -14.21 5.94 5.47
C PHE B 293 -14.65 5.68 6.90
N ASP B 294 -14.23 6.56 7.81
CA ASP B 294 -14.44 6.36 9.23
C ASP B 294 -15.92 6.43 9.63
N ASP B 295 -16.76 7.01 8.79
CA ASP B 295 -18.21 7.02 9.00
C ASP B 295 -18.89 5.82 8.34
N PHE B 296 -18.12 4.84 7.90
CA PHE B 296 -18.57 3.62 7.25
C PHE B 296 -19.15 3.88 5.87
N GLN B 297 -19.13 5.12 5.38
CA GLN B 297 -19.46 5.33 3.97
C GLN B 297 -18.33 4.77 3.11
N GLN B 298 -18.68 4.33 1.91
CA GLN B 298 -17.64 3.86 1.03
C GLN B 298 -17.90 4.35 -0.39
N THR B 299 -16.84 4.34 -1.18
CA THR B 299 -16.91 4.77 -2.56
C THR B 299 -16.06 3.83 -3.40
N THR B 300 -16.45 3.65 -4.65
CA THR B 300 -15.70 2.83 -5.59
C THR B 300 -15.45 3.64 -6.86
N GLN B 301 -14.25 3.55 -7.39
CA GLN B 301 -13.88 4.25 -8.62
C GLN B 301 -13.22 3.24 -9.53
N GLU B 302 -13.94 2.87 -10.59
CA GLU B 302 -13.50 1.86 -11.54
C GLU B 302 -13.70 2.40 -12.94
N HIS B 303 -12.91 1.91 -13.89
CA HIS B 303 -13.01 2.36 -15.27
C HIS B 303 -12.66 1.24 -16.24
N VAL B 304 -13.12 1.40 -17.48
CA VAL B 304 -12.74 0.52 -18.57
C VAL B 304 -11.23 0.40 -18.61
N TRP B 305 -10.74 -0.81 -18.67
CA TRP B 305 -9.29 -0.99 -18.69
C TRP B 305 -8.96 -2.38 -19.21
N PRO B 306 -8.01 -2.50 -20.14
CA PRO B 306 -7.84 -3.78 -20.84
C PRO B 306 -7.07 -4.84 -20.05
N ARG B 307 -6.25 -4.44 -19.08
CA ARG B 307 -5.33 -5.39 -18.48
C ARG B 307 -4.92 -4.91 -17.09
N LEU B 308 -4.86 -5.83 -16.12
CA LEU B 308 -4.49 -5.48 -14.76
C LEU B 308 -3.21 -4.64 -14.76
N ASN B 309 -3.21 -3.56 -13.97
CA ASN B 309 -2.13 -2.58 -14.05
C ASN B 309 -2.03 -1.82 -12.73
N LYS B 310 -0.89 -2.01 -12.03
CA LYS B 310 -0.72 -1.39 -10.73
C LYS B 310 -0.64 0.13 -10.82
N ALA B 311 0.18 0.64 -11.75
CA ALA B 311 0.34 2.09 -11.87
C ALA B 311 -1.00 2.76 -12.08
N ASP B 312 -1.87 2.15 -12.90
CA ASP B 312 -3.18 2.72 -13.12
C ASP B 312 -4.07 2.63 -11.87
N LEU B 313 -3.92 1.57 -11.08
CA LEU B 313 -4.67 1.46 -9.83
C LEU B 313 -4.24 2.55 -8.84
N ILE B 314 -2.93 2.78 -8.71
CA ILE B 314 -2.43 3.83 -7.82
C ILE B 314 -2.89 5.20 -8.30
N ALA B 315 -2.82 5.46 -9.62
CA ALA B 315 -3.27 6.75 -10.12
C ALA B 315 -4.76 6.95 -9.86
N THR B 316 -5.54 5.89 -10.04
CA THR B 316 -6.98 5.97 -9.77
C THR B 316 -7.26 6.21 -8.29
N ALA B 317 -6.54 5.50 -7.42
CA ALA B 317 -6.72 5.69 -6.00
C ALA B 317 -6.32 7.10 -5.55
N ARG B 318 -5.29 7.69 -6.18
CA ARG B 318 -4.92 9.04 -5.79
C ARG B 318 -6.07 10.00 -6.08
N LYS B 319 -6.77 9.79 -7.18
CA LYS B 319 -7.94 10.59 -7.50
C LYS B 319 -9.05 10.37 -6.49
N THR B 320 -9.34 9.09 -6.15
CA THR B 320 -10.37 8.82 -5.17
C THR B 320 -10.02 9.45 -3.82
N TRP B 321 -8.79 9.23 -3.36
CA TRP B 321 -8.30 9.82 -2.11
C TRP B 321 -8.44 11.34 -2.14
N ASP B 322 -8.03 11.97 -3.24
CA ASP B 322 -8.03 13.43 -3.34
C ASP B 322 -9.44 14.00 -3.43
N GLU B 323 -10.34 13.34 -4.15
CA GLU B 323 -11.60 13.98 -4.51
C GLU B 323 -12.80 13.54 -3.69
N ARG B 324 -12.76 12.35 -3.11
CA ARG B 324 -13.92 11.79 -2.44
C ARG B 324 -13.73 11.58 -0.94
N ARG B 325 -12.51 11.72 -0.44
CA ARG B 325 -12.26 11.42 0.97
C ARG B 325 -12.84 12.50 1.86
N GLY B 326 -12.84 13.75 1.40
CA GLY B 326 -13.43 14.82 2.18
C GLY B 326 -12.80 15.03 3.53
N GLY B 327 -11.50 14.81 3.65
CA GLY B 327 -10.83 14.98 4.92
C GLY B 327 -11.01 13.84 5.90
N ARG B 328 -11.83 12.85 5.57
CA ARG B 328 -12.12 11.79 6.52
C ARG B 328 -10.97 10.79 6.60
N GLY B 329 -10.98 10.03 7.70
CA GLY B 329 -10.06 8.91 7.82
C GLY B 329 -10.58 7.71 7.05
N VAL B 330 -9.64 6.89 6.59
CA VAL B 330 -9.95 5.75 5.73
C VAL B 330 -9.70 4.46 6.53
N ARG B 331 -10.74 3.64 6.69
CA ARG B 331 -10.59 2.37 7.41
C ARG B 331 -10.31 1.19 6.50
N LEU B 332 -10.60 1.29 5.20
CA LEU B 332 -10.45 0.16 4.29
C LEU B 332 -9.91 0.64 2.95
N VAL B 333 -9.02 -0.14 2.34
CA VAL B 333 -8.58 0.04 0.96
C VAL B 333 -8.81 -1.26 0.19
N GLY B 334 -9.35 -1.16 -1.02
CA GLY B 334 -9.58 -2.33 -1.84
C GLY B 334 -9.18 -2.11 -3.28
N LEU B 335 -8.83 -3.21 -3.96
CA LEU B 335 -8.60 -3.25 -5.39
C LEU B 335 -9.61 -4.19 -6.02
N HIS B 336 -9.98 -3.89 -7.26
CA HIS B 336 -11.09 -4.60 -7.88
C HIS B 336 -10.88 -4.70 -9.39
N VAL B 337 -11.38 -5.79 -9.93
CA VAL B 337 -11.26 -6.12 -11.33
C VAL B 337 -12.58 -6.71 -11.79
N THR B 338 -13.05 -6.28 -12.96
CA THR B 338 -14.20 -6.86 -13.63
C THR B 338 -13.69 -7.70 -14.81
N LEU B 339 -14.14 -8.95 -14.88
CA LEU B 339 -13.66 -9.85 -15.94
C LEU B 339 -14.40 -9.61 -17.26
N LEU B 340 -13.75 -10.01 -18.35
CA LEU B 340 -14.37 -10.03 -19.67
C LEU B 340 -15.58 -10.97 -19.70
N ASP B 341 -16.54 -10.69 -20.59
CA ASP B 341 -17.86 -11.34 -20.63
C ASP B 341 -17.82 -12.85 -20.89
N PRO B 342 -17.41 -13.36 -22.07
CA PRO B 342 -17.30 -14.82 -21.98
C PRO B 342 -15.94 -15.29 -21.49
PA TTP G . 27.26 15.57 4.73
O1A TTP G . 28.72 15.37 4.34
O2A TTP G . 26.35 14.42 4.40
O3A TTP G . 27.19 15.69 6.33
PB TTP G . 28.28 16.42 7.26
O1B TTP G . 27.61 17.51 8.09
O2B TTP G . 29.44 17.04 6.54
O3B TTP G . 28.67 15.21 8.23
PG TTP G . 29.93 14.22 8.00
O1G TTP G . 30.36 14.14 6.53
O2G TTP G . 29.37 12.90 8.47
O3G TTP G . 31.07 14.68 8.89
O5' TTP G . 26.62 16.95 4.21
C5' TTP G . 27.38 18.16 4.06
C4' TTP G . 26.48 19.32 4.51
O4' TTP G . 25.24 19.26 3.79
C3' TTP G . 26.08 19.22 5.98
O3' TTP G . 27.07 19.75 6.89
C2' TTP G . 24.75 19.97 6.01
C1' TTP G . 24.15 19.70 4.63
N1 TTP G . 23.13 18.64 4.74
C2 TTP G . 21.79 19.02 4.88
O2 TTP G . 21.50 20.25 4.86
N3 TTP G . 20.81 18.11 4.98
C4 TTP G . 21.09 16.80 5.01
O4 TTP G . 20.20 15.93 5.11
C5 TTP G . 22.50 16.35 4.89
C5M TTP G . 22.80 14.87 4.92
C6 TTP G . 23.48 17.34 4.77
MG MG H . 30.56 15.82 5.01
MG MG I . 29.18 15.27 1.95
PA TTP J . -23.76 -20.36 5.94
O1A TTP J . -24.23 -21.64 5.25
O2A TTP J . -24.69 -19.22 5.61
O3A TTP J . -23.71 -20.53 7.55
PB TTP J . -23.12 -21.80 8.35
O1B TTP J . -21.90 -21.45 9.16
O2B TTP J . -22.76 -22.99 7.48
O3B TTP J . -24.34 -22.06 9.37
PG TTP J . -25.66 -22.94 9.00
O1G TTP J . -25.77 -23.17 7.48
O2G TTP J . -26.88 -22.19 9.50
O3G TTP J . -25.55 -24.27 9.70
O5' TTP J . -22.26 -19.94 5.56
C5' TTP J . -21.26 -20.86 5.11
C4' TTP J . -19.92 -20.33 5.60
O4' TTP J . -19.70 -19.02 5.04
C3' TTP J . -19.85 -20.11 7.11
O3' TTP J . -19.46 -21.30 7.82
C2' TTP J . -18.85 -18.97 7.25
C1' TTP J . -18.98 -18.19 5.93
N1 TTP J . -19.78 -17.00 6.19
C2 TTP J . -19.14 -15.77 6.39
O2 TTP J . -17.90 -15.70 6.29
N3 TTP J . -19.84 -14.66 6.66
C4 TTP J . -21.17 -14.70 6.77
O4 TTP J . -21.79 -13.65 7.01
C5 TTP J . -21.88 -15.98 6.59
C5M TTP J . -23.38 -16.08 6.70
C6 TTP J . -21.12 -17.11 6.31
MG MG K . -24.27 -23.57 5.93
MG MG L . -24.78 -22.11 3.24
#